data_3A6O
#
_entry.id   3A6O
#
_cell.length_a   114.599
_cell.length_b   119.258
_cell.length_c   113.007
_cell.angle_alpha   90.00
_cell.angle_beta   90.00
_cell.angle_gamma   90.00
#
_symmetry.space_group_name_H-M   'P 21 21 21'
#
loop_
_entity.id
_entity.type
_entity.pdbx_description
1 polymer 'Neopullulanase 2'
2 non-polymer 'CALCIUM ION'
3 non-polymer 'ACARBOSE DERIVED PENTASACCHARIDE'
4 water water
#
_entity_poly.entity_id   1
_entity_poly.type   'polypeptide(L)'
_entity_poly.pdbx_seq_one_letter_code
;MLLEAIFHEAKGSYAYPISETQLRVRLRAKKGDVVRCEVLYADRYASPEEELAHALAGKAGSDERFDYFEALLECSTKRV
KYVFLLTGPQGEAVYFGETGFSAERSKAGVFQYAYIHRSEVFTTPEWAKEAVIYQIFPERFANGDPSNDPPGTEQWAKDA
RPRHDSFYGGDLKGVIDRLPYLEELGVTALYFTPIFASPSHHKYDTADYLAIDPQFGDLPTFRRLVDEAHRRGIKIILDA
VFNHAGDQFFAFRDVLQKGEQSRYKDWFFIEDFPVSKTSRTNYETFAVQVPAMPKLRTENPEVKEYLFDVARFWMEQGID
GWRLDVANEVDHAFWREFRRLVKSLNPDALIVGEIWHDASGWLMGDQFDSVMNYLFRESVIRFFATGEIHAERFDAELTR
ARMLYPEQAAQGLWNLLDSHDTERFLTSCGGNEAKFRLAVLFQMTYLGTPLIYYGDEIGMAGATDPDCRRPMIWEEKEQN
RGLFEFYKELIRLRHRLASLTRGNVRSWHADKQANLYAFVRTVQDQHVGVVLNNRGEKQTVLLQVPESGGKTWLDCLTGE
EVHGKQGQLKLTLRPYQGMILWNGR
;
_entity_poly.pdbx_strand_id   A,B
#
loop_
_chem_comp.id
_chem_comp.type
_chem_comp.name
_chem_comp.formula
ARE saccharide 'ACARBOSE DERIVED PENTASACCHARIDE' 'C31 H53 N O23'
CA non-polymer 'CALCIUM ION' 'Ca 2'
#
# COMPACT_ATOMS: atom_id res chain seq x y z
N MET A 1 12.07 27.41 -2.39
CA MET A 1 10.75 26.67 -2.34
C MET A 1 10.74 25.64 -1.21
N LEU A 2 9.53 25.38 -0.73
CA LEU A 2 9.34 24.54 0.40
C LEU A 2 9.52 23.05 0.21
N LEU A 3 10.69 22.54 0.52
CA LEU A 3 10.90 21.13 0.39
C LEU A 3 10.01 20.27 1.32
N GLU A 4 9.73 20.78 2.52
CA GLU A 4 8.74 20.14 3.41
C GLU A 4 7.33 19.90 2.76
N ALA A 5 6.99 20.53 1.62
CA ALA A 5 5.71 20.26 0.97
C ALA A 5 5.88 19.35 -0.25
N ILE A 6 7.11 19.04 -0.61
CA ILE A 6 7.31 18.24 -1.79
C ILE A 6 7.10 16.72 -1.55
N PHE A 7 6.21 16.06 -2.31
CA PHE A 7 6.06 14.61 -2.09
C PHE A 7 5.95 13.73 -3.32
N HIS A 8 6.60 12.55 -3.22
CA HIS A 8 6.38 11.46 -4.13
C HIS A 8 6.82 10.16 -3.47
N GLU A 9 6.27 9.01 -3.91
CA GLU A 9 6.66 7.69 -3.44
C GLU A 9 6.44 6.81 -4.66
N ALA A 10 7.34 5.87 -4.88
CA ALA A 10 7.32 5.07 -6.10
C ALA A 10 6.34 3.89 -6.03
N LYS A 11 5.10 4.16 -5.63
CA LYS A 11 4.01 3.07 -5.40
C LYS A 11 2.69 3.82 -5.18
N GLY A 12 1.63 3.07 -4.91
CA GLY A 12 0.26 3.64 -4.64
C GLY A 12 -0.30 4.52 -5.75
N SER A 13 -0.63 5.76 -5.41
CA SER A 13 -1.24 6.75 -6.33
C SER A 13 -0.18 7.61 -6.96
N TYR A 14 1.02 7.61 -6.39
CA TYR A 14 2.10 8.45 -6.89
C TYR A 14 2.91 7.82 -8.03
N ALA A 15 2.85 6.50 -8.17
CA ALA A 15 3.60 5.88 -9.24
C ALA A 15 2.93 4.54 -9.56
N TYR A 16 2.42 4.37 -10.77
CA TYR A 16 1.69 3.15 -11.03
C TYR A 16 1.65 2.99 -12.53
N PRO A 17 1.47 1.76 -12.99
CA PRO A 17 1.46 1.43 -14.45
C PRO A 17 0.12 1.64 -15.11
N ILE A 18 0.14 2.09 -16.37
CA ILE A 18 -1.07 2.21 -17.20
C ILE A 18 -1.07 1.15 -18.31
N SER A 19 0.09 0.64 -18.67
CA SER A 19 0.17 -0.57 -19.49
C SER A 19 1.36 -1.35 -19.00
N GLU A 20 1.92 -2.17 -19.87
CA GLU A 20 3.01 -2.95 -19.39
C GLU A 20 4.32 -2.25 -19.61
N THR A 21 4.30 -1.15 -20.33
CA THR A 21 5.51 -0.47 -20.69
C THR A 21 5.43 1.01 -20.38
N GLN A 22 4.40 1.47 -19.67
CA GLN A 22 4.32 2.89 -19.36
C GLN A 22 3.97 3.11 -17.87
N LEU A 23 4.67 3.98 -17.16
CA LEU A 23 4.38 4.28 -15.78
C LEU A 23 3.81 5.71 -15.64
N ARG A 24 2.72 5.86 -14.89
CA ARG A 24 2.25 7.19 -14.52
C ARG A 24 2.91 7.61 -13.22
N VAL A 25 3.41 8.82 -13.19
CA VAL A 25 3.96 9.32 -11.91
C VAL A 25 3.42 10.72 -11.56
N ARG A 26 3.38 11.05 -10.27
CA ARG A 26 2.80 12.30 -9.77
C ARG A 26 3.68 12.80 -8.69
N LEU A 27 3.73 14.11 -8.67
CA LEU A 27 4.48 14.78 -7.54
C LEU A 27 3.63 15.87 -7.05
N ARG A 28 3.67 16.08 -5.76
CA ARG A 28 2.94 17.28 -5.22
C ARG A 28 3.90 18.24 -4.54
N ALA A 29 3.56 19.53 -4.65
CA ALA A 29 4.48 20.62 -4.22
C ALA A 29 3.65 21.74 -3.66
N LYS A 30 4.07 22.55 -2.66
CA LYS A 30 3.30 23.77 -2.30
C LYS A 30 2.73 24.52 -3.55
N LYS A 31 1.44 24.89 -3.51
CA LYS A 31 0.84 25.55 -4.66
C LYS A 31 1.71 26.71 -5.07
N GLY A 32 2.12 26.84 -6.34
CA GLY A 32 2.90 28.01 -6.71
C GLY A 32 4.43 27.83 -6.74
N ASP A 33 4.98 26.94 -5.91
CA ASP A 33 6.44 26.70 -5.83
C ASP A 33 7.14 26.18 -7.08
N VAL A 34 6.53 25.25 -7.79
CA VAL A 34 7.13 24.72 -8.99
C VAL A 34 6.36 25.28 -10.19
N VAL A 35 7.01 25.37 -11.35
CA VAL A 35 6.40 25.98 -12.50
C VAL A 35 6.82 25.02 -13.61
N ARG A 36 7.79 24.19 -13.27
CA ARG A 36 8.30 23.16 -14.19
C ARG A 36 8.84 21.87 -13.50
N CYS A 37 8.18 20.78 -13.88
CA CYS A 37 8.51 19.54 -13.29
C CYS A 37 8.87 18.60 -14.38
N GLU A 38 10.13 18.15 -14.34
CA GLU A 38 10.60 17.27 -15.40
C GLU A 38 11.15 15.95 -14.85
N VAL A 39 10.85 14.84 -15.51
CA VAL A 39 11.40 13.55 -15.07
C VAL A 39 12.58 13.06 -15.93
N LEU A 40 13.68 12.82 -15.29
CA LEU A 40 14.79 12.32 -16.02
C LEU A 40 14.96 10.83 -15.73
N TYR A 41 14.72 9.95 -16.69
CA TYR A 41 14.65 8.52 -16.28
C TYR A 41 15.38 7.54 -17.21
N ALA A 42 15.45 6.27 -16.80
CA ALA A 42 16.27 5.26 -17.53
C ALA A 42 16.06 3.87 -17.10
N ASP A 43 16.56 2.93 -17.88
CA ASP A 43 16.39 1.60 -17.42
C ASP A 43 17.10 1.45 -16.07
N ARG A 44 16.57 0.63 -15.17
CA ARG A 44 17.26 0.40 -13.89
C ARG A 44 18.72 -0.12 -13.96
N TYR A 45 18.98 -0.94 -14.95
CA TYR A 45 20.32 -1.36 -15.19
C TYR A 45 21.08 -0.48 -16.25
N ALA A 46 20.58 0.70 -16.69
CA ALA A 46 21.28 1.49 -17.73
C ALA A 46 22.70 1.72 -17.26
N SER A 47 23.71 1.74 -18.17
CA SER A 47 25.13 2.08 -17.82
C SER A 47 25.25 3.61 -17.51
N PRO A 48 26.14 4.02 -16.52
CA PRO A 48 26.07 5.41 -15.98
C PRO A 48 26.28 6.46 -17.05
N GLU A 49 26.65 5.97 -18.25
CA GLU A 49 27.02 6.70 -19.46
C GLU A 49 25.89 6.93 -20.43
N GLU A 50 24.85 6.08 -20.44
CA GLU A 50 23.75 6.35 -21.34
C GLU A 50 22.99 7.58 -20.85
N GLU A 51 22.41 8.30 -21.84
CA GLU A 51 21.68 9.58 -21.69
C GLU A 51 20.42 9.29 -20.95
N LEU A 52 19.98 10.22 -20.13
CA LEU A 52 18.65 10.04 -19.54
C LEU A 52 17.44 10.12 -20.54
N ALA A 53 16.29 9.53 -20.25
CA ALA A 53 15.08 9.97 -20.99
C ALA A 53 14.42 11.13 -20.25
N HIS A 54 13.68 11.97 -20.98
CA HIS A 54 13.00 13.15 -20.44
C HIS A 54 11.52 12.94 -20.58
N ALA A 55 10.75 13.43 -19.63
CA ALA A 55 9.33 13.34 -19.72
C ALA A 55 8.94 14.55 -18.93
N LEU A 56 8.24 15.48 -19.52
CA LEU A 56 7.91 16.65 -18.79
C LEU A 56 6.50 16.54 -18.22
N ALA A 57 6.32 16.84 -16.92
CA ALA A 57 5.10 16.52 -16.15
C ALA A 57 4.14 17.69 -16.15
N GLY A 58 2.96 17.61 -16.78
CA GLY A 58 2.08 18.78 -16.67
C GLY A 58 1.46 18.85 -15.29
N LYS A 59 1.02 20.06 -14.92
CA LYS A 59 0.23 20.26 -13.74
C LYS A 59 -1.17 19.71 -13.97
N ALA A 60 -1.58 18.65 -13.26
CA ALA A 60 -2.86 18.05 -13.46
C ALA A 60 -3.83 18.62 -12.44
N GLY A 61 -3.43 19.45 -11.50
CA GLY A 61 -4.53 20.01 -10.68
C GLY A 61 -3.98 20.78 -9.48
N SER A 62 -4.84 21.49 -8.74
CA SER A 62 -4.39 22.10 -7.47
C SER A 62 -5.47 22.09 -6.46
N ASP A 63 -5.14 21.90 -5.19
CA ASP A 63 -6.17 21.97 -4.17
C ASP A 63 -5.97 23.15 -3.34
N GLU A 64 -6.34 23.02 -2.05
CA GLU A 64 -6.23 24.20 -1.10
C GLU A 64 -4.77 24.63 -0.94
N ARG A 65 -3.85 23.67 -0.73
CA ARG A 65 -2.47 23.89 -0.42
C ARG A 65 -1.40 23.53 -1.49
N PHE A 66 -1.71 22.50 -2.35
CA PHE A 66 -0.76 21.90 -3.33
C PHE A 66 -1.07 22.05 -4.78
N ASP A 67 -0.03 21.93 -5.61
CA ASP A 67 -0.16 21.69 -7.02
C ASP A 67 0.24 20.25 -7.25
N TYR A 68 -0.36 19.61 -8.25
CA TYR A 68 -0.03 18.22 -8.50
C TYR A 68 0.46 18.12 -9.91
N PHE A 69 1.54 17.36 -10.10
CA PHE A 69 2.18 17.21 -11.39
C PHE A 69 2.20 15.77 -11.86
N GLU A 70 2.01 15.62 -13.17
CA GLU A 70 1.75 14.31 -13.70
C GLU A 70 2.50 14.07 -14.98
N ALA A 71 3.14 12.91 -15.06
CA ALA A 71 3.95 12.61 -16.18
C ALA A 71 3.75 11.15 -16.49
N LEU A 72 4.05 10.79 -17.75
CA LEU A 72 4.00 9.43 -18.27
C LEU A 72 5.40 8.91 -18.65
N LEU A 73 5.93 7.88 -18.00
CA LEU A 73 7.23 7.33 -18.40
C LEU A 73 7.20 6.10 -19.39
N GLU A 74 7.96 6.21 -20.47
CA GLU A 74 7.95 5.15 -21.49
C GLU A 74 9.05 4.14 -21.18
N CYS A 75 8.67 2.95 -20.73
CA CYS A 75 9.66 2.04 -20.14
C CYS A 75 9.67 0.70 -20.80
N SER A 76 10.31 0.70 -21.99
CA SER A 76 10.43 -0.45 -22.91
C SER A 76 10.87 -1.64 -22.11
N THR A 77 11.87 -1.42 -21.24
CA THR A 77 12.46 -2.49 -20.41
C THR A 77 11.53 -2.91 -19.29
N LYS A 78 10.54 -2.03 -19.02
CA LYS A 78 9.55 -2.33 -17.95
C LYS A 78 10.17 -2.22 -16.57
N ARG A 79 11.38 -1.66 -16.49
CA ARG A 79 12.02 -1.50 -15.22
C ARG A 79 12.56 -0.09 -15.32
N VAL A 80 12.10 0.83 -14.46
CA VAL A 80 12.52 2.23 -14.47
C VAL A 80 13.28 2.73 -13.17
N LYS A 81 14.21 3.68 -13.33
CA LYS A 81 14.65 4.51 -12.23
C LYS A 81 14.52 5.94 -12.72
N TYR A 82 14.25 6.94 -11.85
CA TYR A 82 14.13 8.33 -12.22
C TYR A 82 14.34 9.33 -11.06
N VAL A 83 14.40 10.62 -11.43
CA VAL A 83 14.68 11.84 -10.59
C VAL A 83 13.89 12.98 -11.20
N PHE A 84 13.34 13.84 -10.38
CA PHE A 84 12.54 14.94 -10.78
C PHE A 84 13.46 16.14 -10.82
N LEU A 85 13.25 17.00 -11.81
CA LEU A 85 13.88 18.30 -11.88
C LEU A 85 12.75 19.25 -11.71
N LEU A 86 12.82 19.98 -10.61
CA LEU A 86 11.83 20.97 -10.36
C LEU A 86 12.42 22.35 -10.51
N THR A 87 11.64 23.22 -11.10
CA THR A 87 12.07 24.58 -11.36
C THR A 87 11.10 25.60 -10.79
N GLY A 88 11.62 26.52 -9.98
CA GLY A 88 10.80 27.54 -9.32
C GLY A 88 10.58 28.74 -10.19
N PRO A 89 9.75 29.71 -9.73
CA PRO A 89 9.27 30.77 -10.68
C PRO A 89 10.46 31.60 -11.12
N GLN A 90 11.38 31.93 -10.20
CA GLN A 90 12.74 32.60 -10.47
C GLN A 90 13.87 31.74 -11.17
N GLY A 91 13.53 30.51 -11.59
CA GLY A 91 14.46 29.63 -12.23
C GLY A 91 15.38 28.86 -11.32
N GLU A 92 15.17 28.88 -9.99
CA GLU A 92 15.81 27.86 -9.02
C GLU A 92 15.52 26.44 -9.51
N ALA A 93 16.51 25.58 -9.47
CA ALA A 93 16.39 24.23 -10.03
C ALA A 93 16.73 23.31 -8.91
N VAL A 94 15.93 22.29 -8.65
CA VAL A 94 16.45 21.35 -7.67
C VAL A 94 16.03 20.01 -8.13
N TYR A 95 16.90 19.07 -7.85
CA TYR A 95 16.69 17.65 -8.18
C TYR A 95 16.11 16.89 -7.01
N PHE A 96 14.98 16.26 -7.29
CA PHE A 96 14.28 15.50 -6.25
C PHE A 96 14.30 14.01 -6.53
N GLY A 97 14.95 13.27 -5.65
CA GLY A 97 15.04 11.80 -5.81
C GLY A 97 14.86 11.08 -4.47
N GLU A 98 14.98 9.75 -4.50
CA GLU A 98 14.93 8.92 -3.24
C GLU A 98 15.91 9.32 -2.11
N THR A 99 17.08 9.78 -2.48
CA THR A 99 18.07 10.12 -1.50
C THR A 99 17.77 11.49 -0.90
N GLY A 100 17.02 12.31 -1.62
CA GLY A 100 16.66 13.63 -1.14
C GLY A 100 16.72 14.70 -2.22
N PHE A 101 16.92 15.94 -1.75
CA PHE A 101 17.10 17.12 -2.62
C PHE A 101 18.58 17.50 -2.86
N SER A 102 18.91 18.14 -3.99
CA SER A 102 20.29 18.62 -4.22
C SER A 102 20.35 19.33 -5.56
N ALA A 103 21.22 20.33 -5.68
CA ALA A 103 21.41 20.96 -6.97
C ALA A 103 22.19 20.05 -7.95
N GLU A 104 22.77 18.98 -7.39
CA GLU A 104 23.47 17.97 -8.19
C GLU A 104 22.56 16.76 -8.38
N ARG A 105 22.10 16.62 -9.59
CA ARG A 105 21.44 15.41 -9.96
C ARG A 105 21.87 14.16 -9.18
N SER A 106 23.04 13.64 -9.49
CA SER A 106 23.65 12.58 -8.70
C SER A 106 23.24 12.49 -7.16
N LYS A 107 23.30 13.61 -6.42
CA LYS A 107 23.12 13.65 -4.95
C LYS A 107 21.64 13.46 -4.42
N ALA A 108 20.69 13.59 -5.37
CA ALA A 108 19.26 13.44 -5.22
C ALA A 108 18.92 11.99 -5.22
N GLY A 109 19.78 11.15 -5.80
CA GLY A 109 19.49 9.71 -6.00
C GLY A 109 18.29 9.49 -6.97
N VAL A 110 17.75 8.26 -7.05
CA VAL A 110 16.71 7.94 -8.00
C VAL A 110 15.65 7.12 -7.30
N PHE A 111 14.39 7.51 -7.49
CA PHE A 111 13.32 6.56 -7.14
C PHE A 111 13.39 5.44 -8.16
N GLN A 112 12.94 4.24 -7.78
CA GLN A 112 12.91 3.10 -8.66
C GLN A 112 11.54 2.39 -8.69
N TYR A 113 11.00 2.11 -9.88
CA TYR A 113 9.86 1.22 -10.10
C TYR A 113 10.44 -0.07 -10.69
N ALA A 114 10.74 -1.02 -9.82
CA ALA A 114 11.51 -2.19 -10.09
C ALA A 114 11.04 -3.00 -11.30
N TYR A 115 9.72 -3.19 -11.40
CA TYR A 115 9.22 -3.97 -12.51
C TYR A 115 7.70 -3.88 -12.68
N ILE A 116 7.23 -3.68 -13.92
CA ILE A 116 5.82 -3.59 -14.28
C ILE A 116 5.41 -5.02 -14.61
N HIS A 117 4.45 -5.61 -13.93
CA HIS A 117 4.02 -6.95 -14.23
C HIS A 117 2.66 -6.74 -14.94
N ARG A 118 2.51 -7.33 -16.14
CA ARG A 118 1.20 -7.34 -16.90
C ARG A 118 0.01 -7.56 -15.95
N SER A 119 0.17 -8.45 -14.98
CA SER A 119 -0.93 -8.79 -14.08
C SER A 119 -1.12 -7.71 -13.03
N GLU A 120 -0.20 -6.76 -12.94
CA GLU A 120 -0.32 -5.75 -11.90
C GLU A 120 -0.86 -4.44 -12.53
N VAL A 121 -1.26 -4.47 -13.80
CA VAL A 121 -1.82 -3.25 -14.38
C VAL A 121 -3.29 -3.15 -13.94
N PHE A 122 -3.69 -2.07 -13.26
CA PHE A 122 -5.08 -1.97 -12.76
C PHE A 122 -5.98 -1.99 -14.03
N THR A 123 -6.90 -2.94 -14.16
CA THR A 123 -7.78 -2.92 -15.30
C THR A 123 -9.21 -3.25 -14.78
N THR A 124 -10.15 -2.45 -15.24
CA THR A 124 -11.57 -2.47 -14.84
C THR A 124 -12.41 -2.79 -16.16
N PRO A 125 -13.68 -3.21 -15.99
CA PRO A 125 -14.45 -3.57 -17.15
C PRO A 125 -14.76 -2.34 -18.01
N GLU A 126 -14.86 -2.54 -19.31
CA GLU A 126 -15.01 -1.42 -20.17
C GLU A 126 -16.40 -0.84 -20.05
N TRP A 127 -17.42 -1.69 -19.97
CA TRP A 127 -18.75 -1.12 -19.90
C TRP A 127 -18.85 -0.15 -18.73
N ALA A 128 -18.23 -0.44 -17.58
CA ALA A 128 -18.27 0.46 -16.41
C ALA A 128 -17.74 1.91 -16.63
N LYS A 129 -16.76 2.04 -17.52
CA LYS A 129 -16.20 3.36 -17.85
C LYS A 129 -17.35 4.30 -18.21
N GLU A 130 -18.34 3.77 -18.92
CA GLU A 130 -19.34 4.62 -19.49
C GLU A 130 -20.73 4.25 -19.17
N ALA A 131 -20.93 3.75 -17.95
CA ALA A 131 -22.22 3.38 -17.46
C ALA A 131 -22.89 4.52 -16.67
N VAL A 132 -24.19 4.39 -16.46
CA VAL A 132 -24.95 5.14 -15.48
C VAL A 132 -25.69 4.07 -14.65
N ILE A 133 -25.66 4.15 -13.31
CA ILE A 133 -26.22 3.10 -12.52
C ILE A 133 -27.45 3.56 -11.74
N TYR A 134 -28.44 2.69 -11.56
CA TYR A 134 -29.72 2.95 -10.85
C TYR A 134 -29.89 2.05 -9.65
N GLN A 135 -30.00 2.64 -8.45
CA GLN A 135 -30.10 1.80 -7.29
C GLN A 135 -31.53 1.45 -6.95
N ILE A 136 -31.85 0.18 -6.91
CA ILE A 136 -33.22 -0.28 -6.45
C ILE A 136 -33.19 -0.94 -5.04
N PHE A 137 -34.03 -0.43 -4.15
CA PHE A 137 -34.17 -0.97 -2.83
C PHE A 137 -35.49 -1.75 -3.05
N PRO A 138 -35.42 -3.05 -3.39
CA PRO A 138 -36.55 -3.80 -3.93
C PRO A 138 -37.83 -3.69 -3.09
N GLU A 139 -37.74 -3.88 -1.77
CA GLU A 139 -38.94 -3.80 -0.92
C GLU A 139 -39.81 -2.57 -1.20
N ARG A 140 -39.21 -1.49 -1.72
CA ARG A 140 -40.01 -0.35 -2.06
C ARG A 140 -40.03 0.27 -3.41
N PHE A 141 -39.76 -0.52 -4.46
CA PHE A 141 -39.68 0.04 -5.80
C PHE A 141 -40.99 -0.16 -6.58
N ALA A 142 -41.47 -1.40 -6.63
CA ALA A 142 -42.68 -1.79 -7.39
C ALA A 142 -43.23 -3.12 -6.83
N ASN A 143 -44.46 -3.07 -6.34
CA ASN A 143 -45.25 -4.29 -6.06
C ASN A 143 -45.90 -4.95 -7.27
N GLY A 144 -45.27 -5.89 -7.95
CA GLY A 144 -45.88 -6.44 -9.16
C GLY A 144 -46.57 -7.75 -8.81
N ASP A 145 -46.25 -8.28 -7.64
CA ASP A 145 -46.92 -9.48 -7.22
C ASP A 145 -47.43 -9.28 -5.81
N PRO A 146 -48.70 -8.90 -5.70
CA PRO A 146 -49.48 -8.74 -4.48
C PRO A 146 -49.61 -10.05 -3.67
N SER A 147 -49.63 -11.22 -4.36
CA SER A 147 -49.77 -12.49 -3.63
C SER A 147 -48.60 -12.88 -2.74
N ASN A 148 -47.40 -12.27 -2.95
CA ASN A 148 -46.25 -12.59 -2.16
C ASN A 148 -45.97 -11.52 -1.11
N ASP A 149 -46.92 -10.62 -0.85
CA ASP A 149 -46.75 -9.46 0.03
C ASP A 149 -46.60 -9.98 1.42
N PRO A 150 -45.67 -9.43 2.21
CA PRO A 150 -45.48 -9.80 3.62
C PRO A 150 -46.66 -9.35 4.41
N PRO A 151 -46.86 -9.96 5.61
CA PRO A 151 -47.90 -9.68 6.55
C PRO A 151 -47.81 -8.25 7.07
N GLY A 152 -48.94 -7.56 6.94
CA GLY A 152 -49.08 -6.26 7.56
C GLY A 152 -48.57 -5.19 6.64
N THR A 153 -48.46 -5.56 5.38
CA THR A 153 -48.07 -4.63 4.31
C THR A 153 -48.94 -3.40 4.43
N GLU A 154 -48.37 -2.22 4.68
CA GLU A 154 -49.07 -0.94 4.63
C GLU A 154 -49.39 -0.54 3.22
N GLN A 155 -49.99 0.61 3.04
CA GLN A 155 -50.49 0.87 1.70
C GLN A 155 -49.55 1.77 0.93
N TRP A 156 -49.49 1.48 -0.37
CA TRP A 156 -48.53 2.03 -1.27
C TRP A 156 -49.07 3.31 -1.77
N ALA A 157 -48.88 4.37 -0.99
CA ALA A 157 -49.42 5.65 -1.38
C ALA A 157 -48.39 6.77 -1.35
N LYS A 158 -48.70 7.76 -2.21
CA LYS A 158 -47.88 8.98 -2.57
C LYS A 158 -47.06 9.70 -1.47
N ASP A 159 -47.22 9.25 -0.20
CA ASP A 159 -46.76 9.92 1.06
C ASP A 159 -47.17 9.13 2.36
N ALA A 160 -46.95 7.80 2.32
CA ALA A 160 -46.70 6.92 3.44
C ALA A 160 -45.36 7.29 4.13
N ARG A 161 -45.25 7.29 5.46
CA ARG A 161 -43.94 7.49 6.10
C ARG A 161 -43.44 6.17 6.80
N PRO A 162 -42.57 5.42 6.14
CA PRO A 162 -42.15 4.09 6.64
C PRO A 162 -41.54 4.07 8.03
N ARG A 163 -41.79 3.01 8.79
CA ARG A 163 -41.20 2.91 10.11
C ARG A 163 -40.06 1.89 9.93
N HIS A 164 -39.13 1.79 10.90
CA HIS A 164 -38.00 0.80 10.86
C HIS A 164 -38.37 -0.64 10.49
N ASP A 165 -39.62 -1.06 10.79
CA ASP A 165 -40.06 -2.43 10.48
C ASP A 165 -41.19 -2.60 9.42
N SER A 166 -41.49 -1.57 8.61
CA SER A 166 -42.58 -1.54 7.63
C SER A 166 -42.37 -2.44 6.41
N PHE A 167 -43.48 -2.80 5.75
CA PHE A 167 -43.40 -3.53 4.50
C PHE A 167 -44.37 -2.90 3.54
N TYR A 168 -43.96 -2.65 2.26
CA TYR A 168 -44.94 -2.17 1.23
C TYR A 168 -45.26 -3.10 0.08
N GLY A 169 -44.56 -4.24 0.05
CA GLY A 169 -44.71 -5.24 -0.99
C GLY A 169 -43.88 -5.18 -2.26
N GLY A 170 -42.85 -4.31 -2.36
CA GLY A 170 -42.07 -4.23 -3.59
C GLY A 170 -41.48 -5.61 -3.83
N ASP A 171 -41.38 -6.05 -5.08
CA ASP A 171 -40.78 -7.33 -5.34
C ASP A 171 -40.14 -7.31 -6.74
N LEU A 172 -39.56 -8.48 -7.11
CA LEU A 172 -38.88 -8.64 -8.39
C LEU A 172 -39.77 -8.52 -9.62
N LYS A 173 -41.01 -8.99 -9.54
CA LYS A 173 -41.95 -9.00 -10.66
C LYS A 173 -42.24 -7.49 -11.02
N GLY A 174 -42.28 -6.62 -9.99
CA GLY A 174 -42.38 -5.18 -10.15
C GLY A 174 -41.16 -4.56 -10.87
N VAL A 175 -39.93 -5.06 -10.63
CA VAL A 175 -38.86 -4.55 -11.43
C VAL A 175 -39.10 -4.92 -12.89
N ILE A 176 -39.48 -6.20 -13.13
CA ILE A 176 -39.63 -6.76 -14.47
C ILE A 176 -40.61 -5.88 -15.22
N ASP A 177 -41.69 -5.52 -14.50
CA ASP A 177 -42.77 -4.77 -15.08
C ASP A 177 -42.37 -3.35 -15.38
N ARG A 178 -41.53 -2.78 -14.54
CA ARG A 178 -41.02 -1.37 -14.73
C ARG A 178 -39.76 -1.23 -15.60
N LEU A 179 -39.24 -2.32 -16.13
CA LEU A 179 -38.09 -2.24 -16.99
C LEU A 179 -38.27 -1.23 -18.14
N PRO A 180 -39.46 -1.11 -18.77
CA PRO A 180 -39.53 -0.05 -19.81
C PRO A 180 -39.30 1.35 -19.25
N TYR A 181 -39.78 1.60 -18.07
CA TYR A 181 -39.48 2.88 -17.49
C TYR A 181 -38.00 3.08 -17.37
N LEU A 182 -37.31 2.18 -16.63
CA LEU A 182 -35.86 2.16 -16.66
C LEU A 182 -35.14 2.32 -18.03
N GLU A 183 -35.54 1.54 -19.01
CA GLU A 183 -34.88 1.64 -20.26
C GLU A 183 -35.11 3.07 -20.83
N GLU A 184 -36.34 3.58 -20.86
CA GLU A 184 -36.58 4.94 -21.25
C GLU A 184 -35.69 5.94 -20.50
N LEU A 185 -35.35 5.70 -19.23
CA LEU A 185 -34.59 6.73 -18.50
C LEU A 185 -33.15 6.75 -19.15
N GLY A 186 -32.70 5.55 -19.57
CA GLY A 186 -31.38 5.37 -20.17
C GLY A 186 -30.33 4.71 -19.28
N VAL A 187 -30.72 4.10 -18.15
CA VAL A 187 -29.80 3.52 -17.24
C VAL A 187 -29.19 2.23 -17.89
N THR A 188 -27.97 1.85 -17.48
CA THR A 188 -27.31 0.76 -18.13
C THR A 188 -26.94 -0.27 -17.09
N ALA A 189 -27.12 0.03 -15.80
CA ALA A 189 -27.02 -1.07 -14.84
C ALA A 189 -28.00 -0.97 -13.65
N LEU A 190 -28.34 -2.05 -12.93
CA LEU A 190 -29.11 -1.90 -11.73
C LEU A 190 -28.37 -2.36 -10.45
N TYR A 191 -28.37 -1.51 -9.38
CA TYR A 191 -27.70 -1.92 -8.12
C TYR A 191 -28.78 -2.33 -7.15
N PHE A 192 -28.93 -3.66 -6.94
CA PHE A 192 -29.96 -4.14 -5.98
C PHE A 192 -29.33 -4.12 -4.63
N THR A 193 -29.98 -3.42 -3.70
CA THR A 193 -29.90 -3.74 -2.32
C THR A 193 -30.05 -5.36 -2.06
N PRO A 194 -29.77 -5.87 -0.82
CA PRO A 194 -29.84 -7.36 -0.70
C PRO A 194 -31.22 -8.01 -1.07
N ILE A 195 -31.18 -9.18 -1.70
CA ILE A 195 -32.43 -9.79 -2.15
C ILE A 195 -32.42 -11.25 -1.75
N PHE A 196 -31.62 -11.65 -0.76
CA PHE A 196 -31.58 -13.08 -0.41
C PHE A 196 -32.48 -13.18 0.80
N ALA A 197 -32.86 -14.43 1.07
CA ALA A 197 -33.92 -14.75 2.01
C ALA A 197 -33.54 -14.12 3.33
N SER A 198 -34.38 -13.23 3.85
CA SER A 198 -34.11 -12.70 5.17
C SER A 198 -35.40 -12.25 5.78
N PRO A 199 -35.52 -12.26 7.12
CA PRO A 199 -36.80 -11.75 7.62
C PRO A 199 -36.81 -10.28 7.92
N SER A 200 -36.66 -9.35 6.98
CA SER A 200 -36.69 -7.90 7.35
C SER A 200 -36.94 -7.15 6.06
N HIS A 201 -37.18 -5.83 6.17
CA HIS A 201 -37.34 -5.10 4.91
C HIS A 201 -36.04 -4.77 4.15
N HIS A 202 -34.86 -4.94 4.76
CA HIS A 202 -33.64 -4.53 4.12
C HIS A 202 -32.95 -5.79 3.71
N LYS A 203 -33.24 -6.86 4.44
CA LYS A 203 -32.63 -8.18 4.20
C LYS A 203 -31.10 -8.21 4.33
N TYR A 204 -30.51 -7.39 5.22
CA TYR A 204 -29.07 -7.39 5.51
C TYR A 204 -28.64 -8.37 6.66
N ASP A 205 -29.63 -9.06 7.22
CA ASP A 205 -29.43 -10.14 8.20
C ASP A 205 -29.91 -11.38 7.49
N THR A 206 -29.04 -11.97 6.65
CA THR A 206 -29.36 -13.06 5.73
C THR A 206 -29.71 -14.31 6.49
N ALA A 207 -30.83 -14.90 6.15
CA ALA A 207 -31.18 -16.26 6.58
C ALA A 207 -30.57 -17.22 5.60
N ASP A 208 -30.61 -16.93 4.31
CA ASP A 208 -30.16 -17.96 3.38
C ASP A 208 -29.50 -17.34 2.08
N TYR A 209 -28.15 -17.43 2.00
CA TYR A 209 -27.46 -16.81 0.88
C TYR A 209 -27.84 -17.40 -0.45
N LEU A 210 -28.33 -18.61 -0.41
CA LEU A 210 -28.57 -19.25 -1.71
C LEU A 210 -30.03 -19.29 -2.13
N ALA A 211 -30.84 -18.28 -1.77
CA ALA A 211 -32.25 -18.28 -2.20
C ALA A 211 -32.75 -16.87 -2.34
N ILE A 212 -33.55 -16.65 -3.40
CA ILE A 212 -34.35 -15.38 -3.44
C ILE A 212 -35.31 -15.33 -2.19
N ASP A 213 -35.36 -14.26 -1.45
CA ASP A 213 -36.40 -14.14 -0.45
C ASP A 213 -37.79 -14.34 -1.10
N PRO A 214 -38.62 -15.27 -0.51
CA PRO A 214 -39.94 -15.65 -0.98
C PRO A 214 -40.83 -14.39 -1.24
N GLN A 215 -40.70 -13.34 -0.46
CA GLN A 215 -41.56 -12.20 -0.74
C GLN A 215 -40.98 -11.26 -1.86
N PHE A 216 -39.82 -11.59 -2.42
CA PHE A 216 -39.26 -11.00 -3.62
C PHE A 216 -39.43 -11.94 -4.86
N GLY A 217 -39.50 -13.23 -4.69
CA GLY A 217 -39.83 -14.03 -5.84
C GLY A 217 -39.12 -15.31 -5.57
N ASP A 218 -38.67 -15.98 -6.64
CA ASP A 218 -38.06 -17.27 -6.55
C ASP A 218 -37.02 -17.23 -7.63
N LEU A 219 -36.21 -18.26 -7.77
CA LEU A 219 -35.11 -18.13 -8.71
C LEU A 219 -35.60 -17.98 -10.12
N PRO A 220 -36.66 -18.73 -10.56
CA PRO A 220 -37.13 -18.48 -11.97
C PRO A 220 -37.49 -17.03 -12.23
N THR A 221 -38.16 -16.35 -11.30
CA THR A 221 -38.40 -14.92 -11.49
C THR A 221 -37.12 -14.11 -11.63
N PHE A 222 -36.12 -14.40 -10.80
CA PHE A 222 -34.83 -13.71 -10.96
C PHE A 222 -34.18 -13.91 -12.36
N ARG A 223 -34.22 -15.15 -12.86
CA ARG A 223 -33.55 -15.39 -14.12
C ARG A 223 -34.28 -14.62 -15.17
N ARG A 224 -35.59 -14.46 -14.96
CA ARG A 224 -36.51 -13.88 -15.94
C ARG A 224 -36.09 -12.39 -15.92
N LEU A 225 -35.78 -11.94 -14.69
CA LEU A 225 -35.31 -10.57 -14.51
C LEU A 225 -33.95 -10.26 -15.22
N VAL A 226 -32.92 -11.06 -14.97
CA VAL A 226 -31.59 -10.91 -15.54
C VAL A 226 -31.78 -10.88 -17.03
N ASP A 227 -32.58 -11.80 -17.59
CA ASP A 227 -32.62 -11.72 -19.08
C ASP A 227 -33.37 -10.50 -19.60
N GLU A 228 -34.47 -10.22 -18.93
CA GLU A 228 -35.29 -9.16 -19.37
C GLU A 228 -34.56 -7.86 -19.35
N ALA A 229 -33.64 -7.72 -18.37
CA ALA A 229 -32.82 -6.52 -18.20
C ALA A 229 -31.74 -6.50 -19.23
N HIS A 230 -31.01 -7.61 -19.32
CA HIS A 230 -30.03 -7.77 -20.35
C HIS A 230 -30.53 -7.40 -21.75
N ARG A 231 -31.74 -7.84 -22.13
CA ARG A 231 -32.14 -7.54 -23.57
C ARG A 231 -32.42 -6.07 -23.76
N ARG A 232 -32.36 -5.29 -22.68
CA ARG A 232 -32.60 -3.84 -22.74
C ARG A 232 -31.34 -3.01 -22.39
N GLY A 233 -30.20 -3.63 -22.59
CA GLY A 233 -28.96 -3.05 -22.28
C GLY A 233 -28.87 -2.67 -20.84
N ILE A 234 -29.40 -3.48 -19.92
CA ILE A 234 -29.23 -3.16 -18.48
C ILE A 234 -28.55 -4.28 -17.73
N LYS A 235 -27.40 -4.00 -17.12
CA LYS A 235 -26.75 -5.01 -16.28
C LYS A 235 -27.33 -5.19 -14.88
N ILE A 236 -26.89 -6.20 -14.12
CA ILE A 236 -27.41 -6.52 -12.81
C ILE A 236 -26.25 -6.59 -11.81
N ILE A 237 -26.26 -5.74 -10.75
CA ILE A 237 -25.18 -5.79 -9.76
C ILE A 237 -25.86 -6.26 -8.47
N LEU A 238 -25.27 -7.21 -7.73
CA LEU A 238 -25.97 -7.63 -6.50
C LEU A 238 -25.22 -7.23 -5.23
N ASP A 239 -25.88 -7.26 -4.08
CA ASP A 239 -25.29 -6.66 -2.92
C ASP A 239 -24.78 -7.85 -2.15
N ALA A 240 -23.47 -8.00 -1.97
CA ALA A 240 -22.95 -9.21 -1.35
C ALA A 240 -22.76 -8.80 0.08
N VAL A 241 -23.47 -9.42 1.01
CA VAL A 241 -23.36 -9.07 2.43
C VAL A 241 -22.46 -10.13 3.08
N PHE A 242 -21.16 -9.94 3.02
CA PHE A 242 -20.29 -10.98 3.46
C PHE A 242 -19.66 -10.70 4.82
N ASN A 243 -19.80 -9.49 5.33
CA ASN A 243 -19.18 -9.17 6.62
C ASN A 243 -19.79 -9.89 7.81
N HIS A 244 -21.09 -10.12 7.76
CA HIS A 244 -21.89 -10.71 8.83
C HIS A 244 -23.08 -11.49 8.25
N ALA A 245 -23.52 -12.53 8.99
CA ALA A 245 -24.70 -13.28 8.57
C ALA A 245 -25.89 -12.71 9.30
N GLY A 246 -27.11 -13.20 8.99
CA GLY A 246 -28.24 -12.98 9.91
C GLY A 246 -28.37 -14.03 10.98
N ASP A 247 -28.98 -13.71 12.12
CA ASP A 247 -29.16 -14.75 13.20
C ASP A 247 -29.94 -16.05 12.83
N GLN A 248 -30.45 -16.13 11.59
CA GLN A 248 -31.06 -17.36 11.05
C GLN A 248 -30.25 -18.12 10.09
N PHE A 249 -29.00 -17.72 9.93
CA PHE A 249 -28.16 -18.39 8.96
C PHE A 249 -27.99 -19.88 9.49
N PHE A 250 -28.05 -20.90 8.64
CA PHE A 250 -27.96 -22.27 9.17
C PHE A 250 -26.86 -22.44 10.23
N ALA A 251 -25.63 -22.06 9.89
CA ALA A 251 -24.50 -22.25 10.78
C ALA A 251 -24.62 -21.56 12.13
N PHE A 252 -25.33 -20.43 12.15
CA PHE A 252 -25.45 -19.71 13.39
C PHE A 252 -26.59 -20.32 14.21
N ARG A 253 -27.56 -20.94 13.53
CA ARG A 253 -28.67 -21.54 14.25
C ARG A 253 -28.10 -22.74 14.95
N ASP A 254 -27.24 -23.46 14.22
CA ASP A 254 -26.45 -24.51 14.78
C ASP A 254 -25.79 -23.98 16.03
N VAL A 255 -25.18 -22.81 15.95
CA VAL A 255 -24.45 -22.31 17.08
C VAL A 255 -25.39 -22.00 18.26
N LEU A 256 -26.50 -21.29 18.01
CA LEU A 256 -27.50 -21.08 19.12
C LEU A 256 -27.98 -22.42 19.73
N GLN A 257 -28.00 -23.50 18.94
CA GLN A 257 -28.57 -24.73 19.40
C GLN A 257 -27.48 -25.45 20.07
N LYS A 258 -26.39 -25.78 19.40
CA LYS A 258 -25.46 -26.72 20.01
C LYS A 258 -24.41 -26.11 20.93
N GLY A 259 -24.50 -24.82 21.29
CA GLY A 259 -23.35 -24.13 21.93
C GLY A 259 -22.01 -24.58 21.35
N GLU A 260 -21.10 -25.08 22.19
CA GLU A 260 -19.75 -25.34 21.65
C GLU A 260 -19.49 -26.72 21.09
N GLN A 261 -20.56 -27.49 21.00
CA GLN A 261 -20.59 -28.65 20.12
C GLN A 261 -20.70 -28.27 18.62
N SER A 262 -21.16 -27.04 18.28
CA SER A 262 -21.39 -26.68 16.87
C SER A 262 -20.13 -26.81 16.12
N ARG A 263 -20.20 -27.53 15.00
CA ARG A 263 -19.12 -27.58 14.00
C ARG A 263 -18.79 -26.15 13.47
N TYR A 264 -19.72 -25.19 13.72
CA TYR A 264 -19.69 -23.82 13.19
C TYR A 264 -19.34 -22.79 14.26
N LYS A 265 -18.75 -23.20 15.40
CA LYS A 265 -18.47 -22.15 16.38
C LYS A 265 -17.40 -21.19 15.84
N ASP A 266 -16.33 -21.67 15.19
CA ASP A 266 -15.26 -20.75 14.77
C ASP A 266 -15.54 -19.97 13.49
N TRP A 267 -16.82 -19.99 13.08
CA TRP A 267 -17.29 -19.26 11.90
C TRP A 267 -17.66 -17.91 12.40
N PHE A 268 -17.81 -17.76 13.73
CA PHE A 268 -18.20 -16.46 14.34
C PHE A 268 -17.25 -15.97 15.43
N PHE A 269 -17.61 -14.90 16.09
CA PHE A 269 -16.73 -14.27 17.04
C PHE A 269 -17.49 -14.45 18.30
N ILE A 270 -17.47 -15.68 18.87
CA ILE A 270 -18.30 -15.97 20.12
C ILE A 270 -17.58 -15.62 21.43
N GLU A 271 -18.05 -14.61 22.16
CA GLU A 271 -17.35 -14.23 23.38
C GLU A 271 -17.40 -15.28 24.58
N ASP A 272 -18.50 -16.03 24.71
CA ASP A 272 -18.74 -17.12 25.72
C ASP A 272 -20.12 -17.77 25.52
N PHE A 273 -20.26 -19.03 25.98
CA PHE A 273 -21.53 -19.86 25.90
C PHE A 273 -22.48 -19.88 27.14
N PRO A 274 -23.84 -20.04 26.93
CA PRO A 274 -24.70 -20.08 25.65
C PRO A 274 -24.79 -18.74 24.88
N VAL A 275 -24.94 -18.83 23.55
CA VAL A 275 -24.83 -17.65 22.68
C VAL A 275 -26.15 -17.00 22.67
N SER A 276 -26.34 -15.88 23.32
CA SER A 276 -27.57 -15.19 22.97
C SER A 276 -27.91 -13.96 23.71
N LYS A 277 -27.38 -13.72 24.92
CA LYS A 277 -27.93 -12.61 25.78
C LYS A 277 -28.42 -11.41 24.80
N THR A 278 -29.76 -11.07 24.71
CA THR A 278 -30.30 -10.01 23.70
C THR A 278 -29.70 -8.54 23.75
N SER A 279 -30.34 -7.63 24.52
CA SER A 279 -29.77 -6.28 24.83
C SER A 279 -28.25 -6.31 25.27
N ARG A 280 -27.81 -7.44 25.86
CA ARG A 280 -26.37 -7.80 25.89
C ARG A 280 -26.02 -9.17 25.08
N THR A 281 -25.81 -9.03 23.76
CA THR A 281 -25.24 -10.10 22.92
C THR A 281 -23.80 -10.40 23.41
N ASN A 282 -23.40 -11.67 23.37
CA ASN A 282 -22.11 -12.16 23.85
C ASN A 282 -21.38 -12.69 22.62
N TYR A 283 -21.65 -12.05 21.49
CA TYR A 283 -21.06 -12.33 20.20
C TYR A 283 -20.94 -10.98 19.45
N GLU A 284 -19.99 -10.92 18.53
CA GLU A 284 -19.73 -9.68 17.91
C GLU A 284 -20.66 -9.58 16.70
N THR A 285 -21.16 -8.39 16.50
CA THR A 285 -22.21 -8.16 15.56
C THR A 285 -21.66 -7.01 14.76
N PHE A 286 -22.21 -6.85 13.58
CA PHE A 286 -22.12 -5.56 12.93
C PHE A 286 -22.44 -4.44 13.88
N ALA A 287 -21.78 -3.30 13.68
CA ALA A 287 -22.04 -2.08 14.50
C ALA A 287 -21.94 -2.41 16.01
N VAL A 288 -22.89 -1.97 16.82
CA VAL A 288 -22.89 -2.30 18.25
C VAL A 288 -24.23 -2.99 18.71
N GLN A 289 -24.12 -4.18 19.31
CA GLN A 289 -25.31 -4.87 19.86
C GLN A 289 -26.35 -5.04 18.80
N VAL A 290 -26.10 -5.84 17.75
CA VAL A 290 -27.10 -6.01 16.69
C VAL A 290 -27.26 -7.48 16.53
N PRO A 291 -28.18 -8.07 17.33
CA PRO A 291 -28.21 -9.50 17.50
C PRO A 291 -28.50 -10.23 16.22
N ALA A 292 -29.25 -9.64 15.27
CA ALA A 292 -29.54 -10.27 13.94
C ALA A 292 -28.33 -10.30 13.07
N MET A 293 -27.25 -9.62 13.46
CA MET A 293 -26.15 -9.56 12.51
C MET A 293 -24.80 -10.01 13.07
N PRO A 294 -24.65 -11.28 13.45
CA PRO A 294 -23.34 -11.70 13.92
C PRO A 294 -22.28 -11.59 12.86
N LYS A 295 -21.08 -11.16 13.24
CA LYS A 295 -19.96 -11.00 12.28
C LYS A 295 -19.55 -12.36 11.85
N LEU A 296 -19.37 -12.55 10.54
CA LEU A 296 -18.73 -13.76 9.96
C LEU A 296 -17.17 -13.75 10.03
N ARG A 297 -16.53 -14.87 10.40
CA ARG A 297 -15.09 -14.91 10.46
C ARG A 297 -14.49 -15.24 9.04
N THR A 298 -14.50 -14.23 8.18
CA THR A 298 -13.96 -14.35 6.82
C THR A 298 -12.52 -14.85 6.76
N GLU A 299 -11.69 -14.50 7.74
CA GLU A 299 -10.37 -15.14 7.90
C GLU A 299 -10.45 -16.67 7.99
N ASN A 300 -11.57 -17.20 8.49
CA ASN A 300 -11.74 -18.73 8.50
C ASN A 300 -11.87 -19.37 7.06
N PRO A 301 -10.90 -20.21 6.66
CA PRO A 301 -10.97 -20.72 5.24
C PRO A 301 -12.31 -21.38 4.95
N GLU A 302 -12.91 -22.05 5.97
CA GLU A 302 -14.26 -22.57 5.75
C GLU A 302 -15.33 -21.48 5.43
N VAL A 303 -15.30 -20.36 6.17
CA VAL A 303 -16.25 -19.27 5.99
C VAL A 303 -16.00 -18.71 4.61
N LYS A 304 -14.73 -18.68 4.22
CA LYS A 304 -14.37 -18.07 2.96
C LYS A 304 -14.81 -18.95 1.81
N GLU A 305 -14.53 -20.25 1.94
CA GLU A 305 -14.96 -21.17 0.86
C GLU A 305 -16.53 -21.09 0.68
N TYR A 306 -17.27 -20.92 1.79
CA TYR A 306 -18.67 -20.89 1.67
C TYR A 306 -19.15 -19.68 0.87
N LEU A 307 -18.69 -18.48 1.24
CA LEU A 307 -19.07 -17.23 0.51
C LEU A 307 -18.59 -17.21 -0.89
N PHE A 308 -17.39 -17.74 -1.10
CA PHE A 308 -16.97 -18.02 -2.50
C PHE A 308 -18.01 -18.90 -3.25
N ASP A 309 -18.54 -19.91 -2.57
CA ASP A 309 -19.56 -20.71 -3.20
C ASP A 309 -20.82 -20.01 -3.54
N VAL A 310 -21.26 -19.14 -2.65
CA VAL A 310 -22.36 -18.19 -2.91
C VAL A 310 -22.11 -17.35 -4.16
N ALA A 311 -20.86 -16.87 -4.29
CA ALA A 311 -20.59 -15.87 -5.27
C ALA A 311 -20.68 -16.59 -6.56
N ARG A 312 -20.27 -17.88 -6.57
CA ARG A 312 -20.29 -18.66 -7.84
C ARG A 312 -21.68 -18.93 -8.28
N PHE A 313 -22.52 -19.18 -7.28
CA PHE A 313 -23.85 -19.60 -7.51
C PHE A 313 -24.57 -18.52 -8.31
N TRP A 314 -24.63 -17.35 -7.70
CA TRP A 314 -25.29 -16.22 -8.34
C TRP A 314 -24.62 -15.78 -9.63
N MET A 315 -23.36 -16.10 -9.78
CA MET A 315 -22.73 -15.72 -10.97
C MET A 315 -23.08 -16.67 -12.08
N GLU A 316 -23.52 -17.84 -11.69
CA GLU A 316 -24.03 -18.72 -12.75
C GLU A 316 -25.44 -18.31 -13.23
N GLN A 317 -26.13 -17.40 -12.50
CA GLN A 317 -27.41 -16.87 -12.97
C GLN A 317 -27.18 -15.69 -13.94
N GLY A 318 -25.91 -15.35 -14.20
CA GLY A 318 -25.59 -14.35 -15.22
C GLY A 318 -25.57 -12.94 -14.74
N ILE A 319 -25.60 -12.64 -13.43
CA ILE A 319 -25.48 -11.29 -12.92
C ILE A 319 -24.16 -10.65 -13.39
N ASP A 320 -23.92 -9.38 -13.08
CA ASP A 320 -22.84 -8.69 -13.68
C ASP A 320 -21.88 -8.13 -12.65
N GLY A 321 -22.11 -8.33 -11.35
CA GLY A 321 -21.01 -8.04 -10.45
C GLY A 321 -21.53 -7.73 -9.09
N TRP A 322 -20.69 -7.13 -8.22
CA TRP A 322 -21.04 -7.12 -6.81
C TRP A 322 -20.86 -5.80 -6.14
N ARG A 323 -21.63 -5.51 -5.09
CA ARG A 323 -21.48 -4.29 -4.34
C ARG A 323 -21.24 -4.91 -2.98
N LEU A 324 -20.17 -4.48 -2.32
CA LEU A 324 -19.69 -5.20 -1.17
C LEU A 324 -20.02 -4.50 0.14
N ASP A 325 -20.98 -5.02 0.85
CA ASP A 325 -21.46 -4.33 1.98
C ASP A 325 -20.45 -4.37 3.17
N VAL A 326 -20.36 -3.24 3.90
CA VAL A 326 -19.33 -3.05 4.95
C VAL A 326 -18.01 -3.71 4.49
N ALA A 327 -17.54 -3.41 3.27
CA ALA A 327 -16.44 -4.20 2.75
C ALA A 327 -15.14 -4.01 3.54
N ASN A 328 -14.96 -2.83 4.13
CA ASN A 328 -13.75 -2.47 4.78
C ASN A 328 -13.66 -3.11 6.13
N GLU A 329 -14.61 -3.98 6.50
CA GLU A 329 -14.44 -4.69 7.75
C GLU A 329 -14.23 -6.21 7.52
N VAL A 330 -14.09 -6.66 6.26
CA VAL A 330 -13.54 -7.96 5.95
C VAL A 330 -12.14 -7.87 5.37
N ASP A 331 -11.28 -8.84 5.69
CA ASP A 331 -9.83 -8.80 5.47
C ASP A 331 -9.44 -8.65 3.95
N HIS A 332 -8.19 -8.22 3.70
CA HIS A 332 -7.72 -7.91 2.32
C HIS A 332 -7.48 -9.22 1.53
N ALA A 333 -7.00 -10.27 2.23
CA ALA A 333 -6.75 -11.53 1.57
C ALA A 333 -8.08 -12.04 0.99
N PHE A 334 -9.11 -11.98 1.80
CA PHE A 334 -10.40 -12.36 1.29
C PHE A 334 -10.68 -11.64 -0.06
N TRP A 335 -10.51 -10.33 -0.05
CA TRP A 335 -10.84 -9.53 -1.19
C TRP A 335 -9.92 -9.75 -2.40
N ARG A 336 -8.63 -9.96 -2.20
CA ARG A 336 -7.78 -10.31 -3.30
C ARG A 336 -8.19 -11.67 -3.92
N GLU A 337 -8.55 -12.62 -3.06
CA GLU A 337 -8.89 -13.94 -3.64
C GLU A 337 -10.25 -13.88 -4.30
N PHE A 338 -11.16 -13.15 -3.64
CA PHE A 338 -12.48 -12.87 -4.21
C PHE A 338 -12.35 -12.31 -5.58
N ARG A 339 -11.59 -11.24 -5.80
CA ARG A 339 -11.29 -10.81 -7.16
C ARG A 339 -10.74 -11.86 -8.07
N ARG A 340 -9.79 -12.73 -7.60
CA ARG A 340 -9.03 -13.68 -8.49
C ARG A 340 -10.21 -14.55 -8.95
N LEU A 341 -11.04 -15.02 -8.03
CA LEU A 341 -12.15 -15.88 -8.40
C LEU A 341 -13.15 -15.23 -9.32
N VAL A 342 -13.77 -14.15 -8.86
CA VAL A 342 -14.69 -13.33 -9.69
C VAL A 342 -14.18 -13.02 -11.13
N LYS A 343 -12.99 -12.46 -11.21
CA LYS A 343 -12.43 -12.13 -12.54
C LYS A 343 -12.19 -13.40 -13.38
N SER A 344 -11.87 -14.50 -12.68
CA SER A 344 -11.66 -15.73 -13.38
C SER A 344 -12.99 -16.18 -13.95
N LEU A 345 -14.13 -16.02 -13.26
CA LEU A 345 -15.36 -16.49 -13.86
C LEU A 345 -15.89 -15.59 -14.90
N ASN A 346 -15.62 -14.30 -14.75
CA ASN A 346 -16.15 -13.29 -15.70
C ASN A 346 -15.33 -12.03 -15.67
N PRO A 347 -14.40 -11.89 -16.61
CA PRO A 347 -13.44 -10.76 -16.69
C PRO A 347 -14.16 -9.37 -16.63
N ASP A 348 -15.43 -9.34 -17.05
CA ASP A 348 -16.30 -8.17 -16.98
C ASP A 348 -17.19 -8.00 -15.76
N ALA A 349 -17.19 -8.95 -14.82
CA ALA A 349 -17.91 -8.81 -13.53
C ALA A 349 -17.37 -7.55 -12.84
N LEU A 350 -18.22 -6.58 -12.49
CA LEU A 350 -17.70 -5.37 -11.77
C LEU A 350 -17.64 -5.61 -10.24
N ILE A 351 -16.74 -4.95 -9.52
CA ILE A 351 -16.62 -5.17 -8.06
C ILE A 351 -16.52 -3.81 -7.37
N VAL A 352 -17.51 -3.47 -6.52
CA VAL A 352 -17.60 -2.14 -5.90
C VAL A 352 -17.80 -2.20 -4.41
N GLY A 353 -16.97 -1.51 -3.64
CA GLY A 353 -16.94 -1.77 -2.22
C GLY A 353 -17.77 -0.68 -1.63
N GLU A 354 -18.37 -0.95 -0.48
CA GLU A 354 -19.07 0.05 0.29
C GLU A 354 -18.20 0.45 1.46
N ILE A 355 -17.39 1.44 1.15
CA ILE A 355 -16.49 2.15 2.08
C ILE A 355 -16.76 3.67 1.91
N TRP A 356 -16.88 4.36 3.05
CA TRP A 356 -17.21 5.81 3.11
C TRP A 356 -15.97 6.77 3.26
N HIS A 357 -14.92 6.26 3.87
CA HIS A 357 -13.70 7.00 3.97
C HIS A 357 -12.70 6.78 2.80
N ASP A 358 -11.43 7.18 3.03
CA ASP A 358 -10.39 7.07 2.01
C ASP A 358 -10.21 5.52 1.73
N ALA A 359 -10.78 5.10 0.59
CA ALA A 359 -10.60 3.74 0.16
C ALA A 359 -9.32 3.48 -0.65
N SER A 360 -8.33 4.35 -0.52
CA SER A 360 -7.14 4.18 -1.36
C SER A 360 -6.52 2.73 -1.21
N GLY A 361 -6.65 2.10 -0.05
CA GLY A 361 -6.00 0.86 0.14
C GLY A 361 -6.70 -0.33 -0.46
N TRP A 362 -7.91 -0.19 -1.00
CA TRP A 362 -8.57 -1.28 -1.73
C TRP A 362 -8.65 -0.91 -3.20
N LEU A 363 -7.99 0.18 -3.59
CA LEU A 363 -8.10 0.64 -4.98
C LEU A 363 -6.76 0.76 -5.63
N MET A 364 -5.94 -0.28 -5.51
CA MET A 364 -4.60 -0.21 -6.06
C MET A 364 -4.68 -1.14 -7.32
N GLY A 365 -5.69 -2.03 -7.44
CA GLY A 365 -5.86 -2.83 -8.60
C GLY A 365 -6.04 -4.29 -8.23
N ASP A 366 -5.98 -4.65 -6.95
CA ASP A 366 -5.99 -6.07 -6.65
C ASP A 366 -7.14 -6.49 -5.85
N GLN A 367 -8.12 -5.59 -5.70
CA GLN A 367 -9.27 -5.88 -4.83
C GLN A 367 -10.48 -5.31 -5.56
N PHE A 368 -11.02 -4.15 -5.15
CA PHE A 368 -12.17 -3.51 -5.83
C PHE A 368 -11.80 -2.76 -7.11
N ASP A 369 -12.74 -2.82 -8.06
CA ASP A 369 -12.73 -1.96 -9.20
C ASP A 369 -13.15 -0.58 -8.84
N SER A 370 -13.95 -0.39 -7.78
CA SER A 370 -14.50 0.96 -7.52
C SER A 370 -15.16 1.00 -6.15
N VAL A 371 -15.57 2.15 -5.64
CA VAL A 371 -16.36 2.20 -4.39
C VAL A 371 -17.51 3.15 -4.55
N MET A 372 -18.46 3.10 -3.60
CA MET A 372 -19.51 4.19 -3.53
C MET A 372 -18.79 5.33 -2.99
N ASN A 373 -18.64 6.33 -3.79
CA ASN A 373 -17.79 7.44 -3.48
C ASN A 373 -18.57 8.43 -2.54
N TYR A 374 -18.71 8.06 -1.29
CA TYR A 374 -19.28 8.97 -0.35
C TYR A 374 -18.52 10.25 -0.22
N LEU A 375 -17.20 10.25 -0.50
CA LEU A 375 -16.42 11.51 -0.52
C LEU A 375 -17.00 12.45 -1.51
N PHE A 376 -17.04 11.97 -2.77
CA PHE A 376 -17.77 12.74 -3.81
C PHE A 376 -19.04 13.37 -3.22
N ARG A 377 -19.85 12.57 -2.53
CA ARG A 377 -21.11 13.06 -1.98
C ARG A 377 -20.96 14.18 -0.94
N GLU A 378 -19.95 14.04 -0.08
CA GLU A 378 -19.71 15.10 0.88
C GLU A 378 -19.52 16.53 0.24
N SER A 379 -18.60 16.62 -0.73
CA SER A 379 -18.36 17.87 -1.41
C SER A 379 -19.62 18.30 -2.06
N VAL A 380 -20.40 17.37 -2.59
CA VAL A 380 -21.58 17.79 -3.38
C VAL A 380 -22.60 18.45 -2.44
N ILE A 381 -22.75 17.80 -1.27
CA ILE A 381 -23.63 18.24 -0.22
C ILE A 381 -23.20 19.64 0.29
N ARG A 382 -21.93 19.75 0.66
CA ARG A 382 -21.65 20.93 1.34
C ARG A 382 -21.56 22.11 0.36
N PHE A 383 -21.65 21.83 -0.94
CA PHE A 383 -21.50 22.84 -1.96
C PHE A 383 -22.81 23.28 -2.59
N PHE A 384 -23.65 22.35 -3.04
CA PHE A 384 -24.92 22.78 -3.61
C PHE A 384 -26.14 22.67 -2.66
N ALA A 385 -26.08 21.83 -1.62
CA ALA A 385 -27.15 21.63 -0.68
C ALA A 385 -27.03 22.61 0.53
N THR A 386 -26.06 22.39 1.41
CA THR A 386 -25.92 23.26 2.57
C THR A 386 -25.23 24.57 2.24
N GLY A 387 -24.41 24.62 1.22
CA GLY A 387 -23.65 25.83 0.92
C GLY A 387 -22.56 26.12 1.93
N GLU A 388 -22.17 25.21 2.84
CA GLU A 388 -20.97 25.41 3.69
C GLU A 388 -19.74 25.82 2.93
N ILE A 389 -19.52 25.38 1.70
CA ILE A 389 -18.25 25.72 1.03
C ILE A 389 -18.61 26.52 -0.14
N HIS A 390 -17.70 27.35 -0.60
CA HIS A 390 -17.89 28.20 -1.82
C HIS A 390 -17.13 27.40 -2.96
N ALA A 391 -17.09 28.05 -4.13
CA ALA A 391 -16.66 27.42 -5.34
C ALA A 391 -15.18 27.05 -5.30
N GLU A 392 -14.36 27.70 -4.48
CA GLU A 392 -12.94 27.44 -4.59
C GLU A 392 -12.59 26.34 -3.66
N ARG A 393 -13.26 26.26 -2.51
CA ARG A 393 -13.07 25.00 -1.70
C ARG A 393 -13.56 23.71 -2.41
N PHE A 394 -14.71 23.84 -3.07
CA PHE A 394 -15.25 22.79 -3.87
C PHE A 394 -14.24 22.23 -4.83
N ASP A 395 -13.64 23.11 -5.61
CA ASP A 395 -12.55 22.72 -6.47
C ASP A 395 -11.38 22.00 -5.75
N ALA A 396 -11.05 22.47 -4.58
CA ALA A 396 -9.96 21.80 -3.90
C ALA A 396 -10.36 20.38 -3.46
N GLU A 397 -11.61 20.30 -2.98
CA GLU A 397 -12.14 19.07 -2.42
C GLU A 397 -12.23 18.12 -3.53
N LEU A 398 -12.83 18.52 -4.69
CA LEU A 398 -12.83 17.62 -5.89
C LEU A 398 -11.44 17.06 -6.29
N THR A 399 -10.47 17.96 -6.39
CA THR A 399 -9.17 17.64 -6.91
C THR A 399 -8.37 16.81 -5.99
N ARG A 400 -8.40 17.18 -4.73
CA ARG A 400 -7.64 16.47 -3.75
C ARG A 400 -8.18 15.05 -3.74
N ALA A 401 -9.52 14.90 -3.74
CA ALA A 401 -10.11 13.56 -3.80
C ALA A 401 -9.70 12.78 -5.08
N ARG A 402 -9.75 13.45 -6.25
CA ARG A 402 -9.28 12.91 -7.55
C ARG A 402 -7.87 12.35 -7.54
N MET A 403 -7.00 12.89 -6.70
CA MET A 403 -5.58 12.49 -6.70
C MET A 403 -5.27 11.37 -5.74
N LEU A 404 -6.30 10.91 -5.03
CA LEU A 404 -6.18 10.02 -3.88
C LEU A 404 -5.92 8.65 -4.42
N TYR A 405 -6.48 8.34 -5.60
CA TYR A 405 -6.40 6.98 -6.18
C TYR A 405 -5.78 6.95 -7.61
N PRO A 406 -5.44 5.73 -8.08
CA PRO A 406 -4.97 5.63 -9.46
C PRO A 406 -6.15 6.01 -10.41
N GLU A 407 -5.87 6.56 -11.60
CA GLU A 407 -6.91 7.02 -12.53
C GLU A 407 -7.88 5.87 -12.76
N GLN A 408 -7.39 4.64 -12.94
CA GLN A 408 -8.26 3.59 -13.27
C GLN A 408 -9.44 3.49 -12.30
N ALA A 409 -9.18 3.71 -11.01
CA ALA A 409 -10.22 3.87 -9.98
C ALA A 409 -11.05 5.11 -10.16
N ALA A 410 -10.44 6.27 -10.16
CA ALA A 410 -11.27 7.47 -10.26
C ALA A 410 -12.24 7.63 -11.52
N GLN A 411 -11.84 7.02 -12.65
CA GLN A 411 -12.66 6.90 -13.83
C GLN A 411 -14.07 6.27 -13.59
N GLY A 412 -14.18 5.29 -12.70
CA GLY A 412 -15.45 4.61 -12.41
C GLY A 412 -15.92 4.58 -10.95
N LEU A 413 -15.43 5.51 -10.11
CA LEU A 413 -15.99 5.69 -8.81
C LEU A 413 -17.50 5.91 -8.96
N TRP A 414 -18.30 5.26 -8.09
CA TRP A 414 -19.77 5.46 -8.09
C TRP A 414 -20.09 6.76 -7.39
N ASN A 415 -20.43 7.80 -8.14
CA ASN A 415 -20.65 9.08 -7.54
C ASN A 415 -22.12 9.24 -7.26
N LEU A 416 -22.49 9.16 -6.00
CA LEU A 416 -23.87 9.32 -5.66
C LEU A 416 -24.14 10.64 -4.99
N LEU A 417 -25.44 10.89 -4.80
CA LEU A 417 -25.93 12.04 -4.06
C LEU A 417 -26.50 11.62 -2.69
N ASP A 418 -26.87 10.37 -2.54
CA ASP A 418 -27.65 9.87 -1.37
C ASP A 418 -27.82 8.37 -1.50
N SER A 419 -28.28 7.71 -0.45
CA SER A 419 -28.59 6.25 -0.62
C SER A 419 -29.68 5.78 0.34
N HIS A 420 -29.81 4.46 0.53
CA HIS A 420 -30.73 3.94 1.50
C HIS A 420 -30.33 4.19 2.96
N ASP A 421 -29.10 4.75 3.17
CA ASP A 421 -28.56 5.07 4.47
C ASP A 421 -28.49 6.58 4.64
N THR A 422 -29.32 7.34 3.94
CA THR A 422 -29.09 8.80 3.87
C THR A 422 -30.39 9.51 3.70
N GLU A 423 -30.44 10.79 4.05
CA GLU A 423 -31.61 11.60 3.72
C GLU A 423 -31.60 11.75 2.21
N ARG A 424 -32.70 12.21 1.62
CA ARG A 424 -32.71 12.29 0.16
C ARG A 424 -32.04 13.56 -0.23
N PHE A 425 -31.38 13.59 -1.39
CA PHE A 425 -30.68 14.79 -1.75
C PHE A 425 -31.57 16.07 -1.93
N LEU A 426 -32.77 15.98 -2.51
CA LEU A 426 -33.72 17.14 -2.47
C LEU A 426 -33.90 17.70 -1.03
N THR A 427 -33.97 16.78 -0.06
CA THR A 427 -34.11 17.14 1.33
C THR A 427 -32.91 17.92 1.88
N SER A 428 -31.69 17.44 1.67
CA SER A 428 -30.48 18.21 1.93
C SER A 428 -30.55 19.60 1.26
N CYS A 429 -31.28 19.81 0.15
CA CYS A 429 -31.37 21.08 -0.52
C CYS A 429 -32.55 21.85 0.03
N GLY A 430 -32.97 21.53 1.25
CA GLY A 430 -34.27 21.97 1.76
C GLY A 430 -35.35 22.08 0.67
N GLY A 431 -35.54 21.04 -0.14
CA GLY A 431 -36.64 21.05 -1.12
C GLY A 431 -36.42 22.00 -2.28
N ASN A 432 -35.27 22.67 -2.33
CA ASN A 432 -35.02 23.57 -3.41
C ASN A 432 -34.68 22.82 -4.69
N GLU A 433 -35.61 22.85 -5.62
CA GLU A 433 -35.39 22.10 -6.85
C GLU A 433 -34.23 22.65 -7.68
N ALA A 434 -34.13 23.98 -7.73
CA ALA A 434 -33.14 24.60 -8.60
C ALA A 434 -31.70 24.16 -8.18
N LYS A 435 -31.40 24.16 -6.88
CA LYS A 435 -30.09 23.70 -6.44
C LYS A 435 -29.87 22.21 -6.74
N PHE A 436 -31.00 21.44 -6.78
CA PHE A 436 -30.98 19.97 -6.95
C PHE A 436 -30.51 19.62 -8.38
N ARG A 437 -31.23 20.16 -9.36
CA ARG A 437 -30.87 20.01 -10.75
C ARG A 437 -29.46 20.39 -11.06
N LEU A 438 -28.87 21.34 -10.34
CA LEU A 438 -27.45 21.73 -10.61
C LEU A 438 -26.51 20.65 -10.10
N ALA A 439 -26.79 20.09 -8.91
CA ALA A 439 -26.11 18.95 -8.38
C ALA A 439 -26.30 17.78 -9.36
N VAL A 440 -27.46 17.67 -10.00
CA VAL A 440 -27.59 16.51 -10.93
C VAL A 440 -26.77 16.75 -12.19
N LEU A 441 -26.70 18.03 -12.62
CA LEU A 441 -26.01 18.32 -13.81
C LEU A 441 -24.58 18.02 -13.54
N PHE A 442 -24.10 18.44 -12.37
CA PHE A 442 -22.75 18.28 -12.03
C PHE A 442 -22.48 16.78 -12.12
N GLN A 443 -23.37 15.97 -11.54
CA GLN A 443 -23.16 14.51 -11.36
C GLN A 443 -23.08 13.79 -12.68
N MET A 444 -23.90 14.26 -13.58
CA MET A 444 -24.06 13.64 -14.89
C MET A 444 -22.92 14.12 -15.81
N THR A 445 -22.09 15.08 -15.34
CA THR A 445 -20.95 15.58 -16.15
C THR A 445 -19.57 15.34 -15.53
N TYR A 446 -19.51 15.08 -14.22
CA TYR A 446 -18.19 14.96 -13.55
C TYR A 446 -17.52 13.60 -13.86
N LEU A 447 -16.26 13.47 -13.53
CA LEU A 447 -15.44 12.24 -13.74
C LEU A 447 -15.98 11.11 -12.86
N GLY A 448 -16.20 9.91 -13.40
CA GLY A 448 -16.75 8.84 -12.54
C GLY A 448 -18.10 8.35 -13.05
N THR A 449 -18.75 7.46 -12.29
CA THR A 449 -19.98 6.79 -12.68
C THR A 449 -21.17 7.28 -11.83
N PRO A 450 -22.12 7.98 -12.45
CA PRO A 450 -23.31 8.42 -11.74
C PRO A 450 -24.14 7.31 -11.28
N LEU A 451 -24.52 7.39 -9.99
CA LEU A 451 -25.54 6.53 -9.31
C LEU A 451 -26.77 7.32 -8.95
N ILE A 452 -27.90 6.96 -9.57
CA ILE A 452 -29.25 7.45 -9.25
C ILE A 452 -29.93 6.64 -8.16
N TYR A 453 -30.61 7.29 -7.21
CA TYR A 453 -31.26 6.49 -6.12
C TYR A 453 -32.73 6.47 -6.44
N TYR A 454 -33.32 5.27 -6.56
CA TYR A 454 -34.66 5.16 -7.16
C TYR A 454 -35.54 6.34 -6.63
N GLY A 455 -36.26 6.99 -7.53
CA GLY A 455 -37.08 8.10 -7.07
C GLY A 455 -36.54 9.52 -7.29
N ASP A 456 -35.23 9.73 -7.19
CA ASP A 456 -34.74 11.09 -7.28
C ASP A 456 -35.12 11.72 -8.62
N GLU A 457 -35.19 10.89 -9.64
CA GLU A 457 -35.39 11.33 -10.97
C GLU A 457 -36.79 11.92 -11.14
N ILE A 458 -37.71 11.68 -10.22
CA ILE A 458 -39.10 12.20 -10.36
C ILE A 458 -39.51 12.99 -9.11
N GLY A 459 -38.54 13.34 -8.27
CA GLY A 459 -38.86 14.30 -7.24
C GLY A 459 -39.02 13.88 -5.80
N MET A 460 -38.85 12.60 -5.50
CA MET A 460 -39.05 12.11 -4.18
C MET A 460 -38.18 12.79 -3.11
N ALA A 461 -38.79 13.07 -1.94
CA ALA A 461 -38.08 13.59 -0.77
C ALA A 461 -37.94 12.55 0.40
N GLY A 462 -37.42 13.00 1.55
CA GLY A 462 -37.33 12.17 2.71
C GLY A 462 -36.11 12.50 3.58
N ALA A 463 -36.31 12.48 4.87
CA ALA A 463 -35.20 12.43 5.78
C ALA A 463 -34.48 11.06 5.65
N THR A 464 -33.51 10.84 6.52
CA THR A 464 -32.68 9.64 6.46
C THR A 464 -33.40 8.37 6.88
N ASP A 465 -32.76 7.22 6.57
CA ASP A 465 -33.28 5.90 6.88
C ASP A 465 -34.15 5.88 8.18
N PRO A 466 -35.41 5.45 8.11
CA PRO A 466 -36.11 4.68 7.04
C PRO A 466 -37.01 5.59 6.18
N ASP A 467 -36.89 6.90 6.37
CA ASP A 467 -37.69 7.79 5.61
C ASP A 467 -37.19 7.98 4.12
N CYS A 468 -35.88 7.72 3.89
CA CYS A 468 -35.26 7.84 2.58
C CYS A 468 -35.70 6.61 1.80
N ARG A 469 -36.41 5.65 2.43
CA ARG A 469 -36.99 4.46 1.75
C ARG A 469 -38.51 4.49 1.60
N ARG A 470 -39.13 5.58 1.16
CA ARG A 470 -40.57 5.56 0.85
C ARG A 470 -40.95 4.76 -0.42
N PRO A 471 -42.23 4.37 -0.54
CA PRO A 471 -42.60 3.68 -1.77
C PRO A 471 -42.45 4.64 -2.90
N MET A 472 -41.98 4.11 -4.04
CA MET A 472 -41.73 4.84 -5.24
C MET A 472 -43.01 5.38 -5.83
N ILE A 473 -43.07 6.69 -6.15
CA ILE A 473 -44.27 7.34 -6.70
C ILE A 473 -44.41 6.89 -8.16
N TRP A 474 -45.53 6.26 -8.51
CA TRP A 474 -45.66 5.79 -9.87
C TRP A 474 -46.71 6.51 -10.63
N GLU A 475 -47.58 7.25 -9.98
CA GLU A 475 -48.61 7.96 -10.74
C GLU A 475 -48.13 9.13 -11.56
N GLU A 476 -48.22 9.04 -12.88
CA GLU A 476 -47.71 10.16 -13.66
C GLU A 476 -47.88 11.59 -13.03
N LYS A 477 -49.14 11.95 -12.70
CA LYS A 477 -49.53 13.23 -12.05
C LYS A 477 -48.70 13.50 -10.83
N GLU A 478 -48.50 12.53 -9.97
CA GLU A 478 -47.72 12.71 -8.74
C GLU A 478 -46.18 12.78 -8.94
N GLN A 479 -45.70 12.76 -10.17
CA GLN A 479 -44.28 12.74 -10.47
C GLN A 479 -43.81 14.00 -11.24
N ASN A 480 -42.61 14.45 -10.91
CA ASN A 480 -41.94 15.57 -11.50
C ASN A 480 -41.39 15.15 -12.87
N ARG A 481 -42.25 15.14 -13.87
CA ARG A 481 -41.85 14.74 -15.23
C ARG A 481 -40.84 15.66 -15.81
N GLY A 482 -40.87 16.91 -15.36
CA GLY A 482 -39.95 17.93 -15.80
C GLY A 482 -38.55 17.49 -15.42
N LEU A 483 -38.43 16.96 -14.19
CA LEU A 483 -37.15 16.48 -13.71
C LEU A 483 -36.77 15.15 -14.43
N PHE A 484 -37.78 14.47 -14.94
CA PHE A 484 -37.52 13.15 -15.44
C PHE A 484 -36.88 13.39 -16.85
N GLU A 485 -37.51 14.28 -17.63
CA GLU A 485 -36.98 14.62 -18.97
C GLU A 485 -35.59 15.22 -18.84
N PHE A 486 -35.31 15.85 -17.68
CA PHE A 486 -34.00 16.40 -17.42
C PHE A 486 -32.92 15.31 -17.28
N TYR A 487 -33.10 14.37 -16.33
CA TYR A 487 -32.24 13.16 -16.28
C TYR A 487 -32.12 12.54 -17.67
N LYS A 488 -33.26 12.28 -18.34
CA LYS A 488 -33.18 11.63 -19.66
C LYS A 488 -32.26 12.38 -20.60
N GLU A 489 -32.36 13.70 -20.60
CA GLU A 489 -31.63 14.45 -21.57
C GLU A 489 -30.11 14.45 -21.29
N LEU A 490 -29.78 14.74 -20.01
CA LEU A 490 -28.43 14.56 -19.45
C LEU A 490 -27.79 13.20 -19.68
N ILE A 491 -28.58 12.12 -19.49
CA ILE A 491 -28.08 10.79 -19.75
C ILE A 491 -27.73 10.48 -21.23
N ARG A 492 -28.49 11.02 -22.17
CA ARG A 492 -28.18 10.79 -23.55
C ARG A 492 -26.89 11.59 -23.90
N LEU A 493 -26.69 12.77 -23.29
CA LEU A 493 -25.49 13.54 -23.62
C LEU A 493 -24.23 12.81 -23.20
N ARG A 494 -24.27 12.35 -21.91
CA ARG A 494 -23.27 11.46 -21.41
C ARG A 494 -22.97 10.31 -22.43
N HIS A 495 -24.01 9.78 -23.12
CA HIS A 495 -23.78 8.63 -24.03
C HIS A 495 -23.17 9.10 -25.31
N ARG A 496 -23.64 10.19 -25.91
CA ARG A 496 -22.96 10.82 -27.10
C ARG A 496 -21.52 11.50 -27.07
N LEU A 497 -21.11 12.06 -25.92
CA LEU A 497 -19.95 12.84 -25.72
C LEU A 497 -19.00 11.96 -24.95
N ALA A 498 -17.98 11.41 -25.67
CA ALA A 498 -17.05 10.38 -25.16
C ALA A 498 -16.32 11.01 -24.01
N SER A 499 -16.08 12.28 -24.19
CA SER A 499 -15.39 13.12 -23.26
C SER A 499 -15.97 12.98 -21.85
N LEU A 500 -17.29 12.91 -21.74
CA LEU A 500 -17.97 12.77 -20.45
C LEU A 500 -17.86 11.40 -19.76
N THR A 501 -17.74 10.32 -20.50
CA THR A 501 -17.57 8.99 -19.99
C THR A 501 -16.10 8.64 -19.89
N ARG A 502 -15.33 9.17 -20.80
CA ARG A 502 -13.91 8.77 -20.83
C ARG A 502 -12.87 9.88 -20.71
N GLY A 503 -13.23 11.15 -20.79
CA GLY A 503 -12.16 12.12 -20.85
C GLY A 503 -11.66 12.30 -19.41
N ASN A 504 -10.60 13.05 -19.24
CA ASN A 504 -10.12 13.51 -17.95
C ASN A 504 -10.87 14.76 -17.46
N VAL A 505 -10.45 15.36 -16.34
CA VAL A 505 -11.03 16.63 -15.87
C VAL A 505 -9.92 17.59 -15.52
N ARG A 506 -10.12 18.86 -15.87
CA ARG A 506 -9.22 19.88 -15.39
C ARG A 506 -10.15 21.00 -14.92
N SER A 507 -9.82 21.66 -13.76
CA SER A 507 -10.54 22.87 -13.36
C SER A 507 -10.42 23.97 -14.41
N TRP A 508 -11.51 24.65 -14.71
CA TRP A 508 -11.41 25.68 -15.74
C TRP A 508 -11.56 27.08 -15.19
N HIS A 509 -12.46 27.29 -14.23
CA HIS A 509 -12.58 28.59 -13.57
C HIS A 509 -13.09 28.28 -12.21
N ALA A 510 -12.70 29.04 -11.21
CA ALA A 510 -13.25 28.84 -9.84
C ALA A 510 -13.21 30.14 -9.04
N ASP A 511 -14.34 30.77 -8.78
CA ASP A 511 -14.31 32.11 -8.22
C ASP A 511 -15.12 32.09 -6.94
N LYS A 512 -14.41 31.97 -5.82
CA LYS A 512 -15.08 31.99 -4.52
C LYS A 512 -16.12 33.04 -4.34
N GLN A 513 -16.01 34.14 -5.09
CA GLN A 513 -16.88 35.28 -4.90
C GLN A 513 -18.21 35.05 -5.55
N ALA A 514 -18.22 34.96 -6.89
CA ALA A 514 -19.45 34.58 -7.67
C ALA A 514 -20.01 33.17 -7.34
N ASN A 515 -19.14 32.31 -6.82
CA ASN A 515 -19.53 30.91 -6.52
C ASN A 515 -19.90 30.21 -7.86
N LEU A 516 -19.08 30.54 -8.85
CA LEU A 516 -19.20 30.10 -10.22
C LEU A 516 -18.04 29.14 -10.44
N TYR A 517 -18.37 27.83 -10.54
CA TYR A 517 -17.35 26.79 -10.82
C TYR A 517 -17.48 26.22 -12.23
N ALA A 518 -16.33 26.05 -12.90
CA ALA A 518 -16.29 25.42 -14.22
C ALA A 518 -15.16 24.36 -14.33
N PHE A 519 -15.36 23.34 -15.16
CA PHE A 519 -14.33 22.32 -15.39
C PHE A 519 -14.37 21.81 -16.87
N VAL A 520 -13.36 21.08 -17.30
CA VAL A 520 -13.30 20.66 -18.66
C VAL A 520 -12.96 19.15 -18.77
N ARG A 521 -13.89 18.40 -19.40
CA ARG A 521 -13.65 17.03 -19.79
C ARG A 521 -13.02 17.03 -21.19
N THR A 522 -11.95 16.25 -21.39
CA THR A 522 -11.23 16.16 -22.67
C THR A 522 -10.92 14.70 -22.91
N VAL A 523 -11.27 14.22 -24.09
CA VAL A 523 -10.70 12.96 -24.59
C VAL A 523 -10.27 13.33 -25.97
N GLN A 524 -9.07 12.95 -26.39
CA GLN A 524 -8.59 13.28 -27.74
C GLN A 524 -8.64 14.80 -27.88
N ASP A 525 -9.25 15.30 -28.96
CA ASP A 525 -9.47 16.73 -29.17
C ASP A 525 -10.84 17.25 -28.70
N GLN A 526 -11.70 16.33 -28.24
CA GLN A 526 -13.00 16.75 -27.75
C GLN A 526 -12.82 17.45 -26.43
N HIS A 527 -13.36 18.66 -26.38
CA HIS A 527 -13.48 19.41 -25.11
C HIS A 527 -14.94 19.68 -24.79
N VAL A 528 -15.37 19.29 -23.63
CA VAL A 528 -16.68 19.69 -23.20
C VAL A 528 -16.47 20.52 -21.94
N GLY A 529 -17.03 21.72 -21.90
CA GLY A 529 -16.75 22.55 -20.71
C GLY A 529 -17.98 22.82 -19.91
N VAL A 530 -18.03 22.49 -18.63
CA VAL A 530 -19.31 22.64 -17.92
C VAL A 530 -19.22 23.87 -16.96
N VAL A 531 -20.27 24.73 -16.97
CA VAL A 531 -20.22 25.88 -16.07
C VAL A 531 -21.37 25.88 -15.12
N LEU A 532 -21.07 26.17 -13.87
CA LEU A 532 -22.06 26.09 -12.80
C LEU A 532 -22.16 27.49 -12.13
N ASN A 533 -23.34 28.12 -12.33
CA ASN A 533 -23.74 29.29 -11.57
C ASN A 533 -24.55 28.98 -10.27
N ASN A 534 -23.82 28.57 -9.25
CA ASN A 534 -24.42 28.07 -8.01
C ASN A 534 -24.65 29.33 -7.12
N ARG A 535 -25.42 30.28 -7.67
CA ARG A 535 -25.71 31.51 -6.92
C ARG A 535 -27.14 31.82 -7.21
N GLY A 536 -27.77 32.39 -6.20
CA GLY A 536 -29.19 32.79 -6.23
C GLY A 536 -29.54 33.87 -7.25
N GLU A 537 -28.61 34.75 -7.63
CA GLU A 537 -28.85 35.84 -8.64
C GLU A 537 -28.31 35.47 -10.00
N LYS A 538 -28.27 36.43 -10.91
CA LYS A 538 -27.80 36.13 -12.25
C LYS A 538 -26.45 36.82 -12.58
N GLN A 539 -25.40 36.12 -12.99
CA GLN A 539 -24.07 36.75 -13.16
C GLN A 539 -23.46 36.52 -14.53
N THR A 540 -22.41 37.29 -14.83
CA THR A 540 -21.54 37.21 -16.03
C THR A 540 -20.07 36.82 -15.71
N VAL A 541 -19.42 36.10 -16.65
CA VAL A 541 -18.04 35.65 -16.42
C VAL A 541 -17.20 35.62 -17.67
N LEU A 542 -15.92 35.77 -17.45
CA LEU A 542 -15.01 35.78 -18.52
C LEU A 542 -14.13 34.59 -18.31
N LEU A 543 -14.37 33.57 -19.11
CA LEU A 543 -13.59 32.41 -18.97
C LEU A 543 -12.42 32.46 -19.90
N GLN A 544 -11.24 32.15 -19.37
CA GLN A 544 -10.07 32.07 -20.19
C GLN A 544 -10.15 30.86 -21.10
N VAL A 545 -10.40 31.08 -22.40
CA VAL A 545 -10.37 29.98 -23.40
C VAL A 545 -9.38 30.25 -24.52
N PRO A 546 -8.20 29.66 -24.46
CA PRO A 546 -7.24 29.88 -25.56
C PRO A 546 -7.68 29.32 -26.90
N GLU A 547 -7.16 29.99 -27.93
CA GLU A 547 -7.44 29.79 -29.35
C GLU A 547 -7.22 28.35 -29.81
N SER A 548 -6.22 27.71 -29.21
CA SER A 548 -5.98 26.27 -29.36
C SER A 548 -7.21 25.29 -29.08
N GLY A 549 -7.94 25.45 -27.97
CA GLY A 549 -9.12 24.58 -27.67
C GLY A 549 -10.36 24.78 -28.55
N GLY A 550 -10.23 25.46 -29.69
CA GLY A 550 -11.42 25.93 -30.37
C GLY A 550 -11.78 27.31 -29.86
N LYS A 551 -12.72 27.95 -30.56
CA LYS A 551 -13.07 29.35 -30.32
C LYS A 551 -14.62 29.46 -30.45
N THR A 552 -15.20 28.37 -30.97
CA THR A 552 -16.67 28.23 -31.03
C THR A 552 -17.17 27.00 -30.27
N TRP A 553 -18.13 27.22 -29.40
CA TRP A 553 -18.77 26.13 -28.69
C TRP A 553 -20.25 26.08 -28.93
N LEU A 554 -20.81 24.91 -28.73
CA LEU A 554 -22.26 24.74 -28.78
C LEU A 554 -22.72 24.34 -27.37
N ASP A 555 -23.67 25.08 -26.81
CA ASP A 555 -24.26 24.77 -25.50
C ASP A 555 -25.18 23.61 -25.76
N CYS A 556 -24.88 22.45 -25.17
CA CYS A 556 -25.68 21.31 -25.42
C CYS A 556 -27.09 21.32 -24.92
N LEU A 557 -27.44 22.06 -23.90
CA LEU A 557 -28.79 21.86 -23.38
C LEU A 557 -29.75 22.70 -24.16
N THR A 558 -29.28 23.87 -24.60
CA THR A 558 -30.19 24.89 -25.20
C THR A 558 -29.99 24.98 -26.68
N GLY A 559 -28.78 24.70 -27.16
CA GLY A 559 -28.53 24.85 -28.58
C GLY A 559 -27.79 26.15 -28.93
N GLU A 560 -27.60 26.99 -27.90
CA GLU A 560 -27.05 28.28 -28.07
C GLU A 560 -25.62 28.16 -28.54
N GLU A 561 -25.22 29.09 -29.38
CA GLU A 561 -23.90 29.07 -29.96
C GLU A 561 -23.02 30.18 -29.33
N VAL A 562 -21.79 29.87 -29.00
CA VAL A 562 -21.06 30.79 -28.22
C VAL A 562 -19.67 30.96 -28.79
N HIS A 563 -19.16 32.17 -28.62
CA HIS A 563 -18.02 32.70 -29.38
C HIS A 563 -16.92 33.31 -28.52
N GLY A 564 -15.67 32.99 -28.81
CA GLY A 564 -14.62 33.64 -28.03
C GLY A 564 -13.84 34.73 -28.73
N LYS A 565 -14.11 36.02 -28.50
CA LYS A 565 -13.09 37.05 -28.88
C LYS A 565 -11.87 37.17 -27.94
N GLN A 566 -10.71 36.85 -28.52
CA GLN A 566 -9.41 37.18 -27.91
C GLN A 566 -8.92 36.33 -26.67
N GLY A 567 -8.94 35.00 -26.80
CA GLY A 567 -8.63 34.12 -25.67
C GLY A 567 -9.69 34.14 -24.57
N GLN A 568 -10.81 34.81 -24.82
CA GLN A 568 -11.83 34.92 -23.80
C GLN A 568 -13.25 34.56 -24.24
N LEU A 569 -14.00 33.96 -23.30
CA LEU A 569 -15.38 33.68 -23.47
C LEU A 569 -16.25 34.37 -22.43
N LYS A 570 -17.11 35.29 -22.88
CA LYS A 570 -18.08 36.03 -22.01
C LYS A 570 -19.45 35.33 -21.90
N LEU A 571 -19.90 35.04 -20.68
CA LEU A 571 -21.05 34.15 -20.51
C LEU A 571 -22.05 34.64 -19.46
N THR A 572 -23.35 34.67 -19.75
CA THR A 572 -24.25 35.19 -18.75
C THR A 572 -25.21 34.11 -18.32
N LEU A 573 -25.13 33.73 -17.07
CA LEU A 573 -25.84 32.56 -16.60
C LEU A 573 -26.99 33.04 -15.79
N ARG A 574 -28.07 32.28 -15.77
CA ARG A 574 -29.23 32.52 -14.92
C ARG A 574 -29.12 31.88 -13.50
N PRO A 575 -29.93 32.36 -12.57
CA PRO A 575 -29.73 31.78 -11.22
C PRO A 575 -29.76 30.20 -11.18
N TYR A 576 -28.74 29.66 -10.53
CA TYR A 576 -28.53 28.19 -10.47
C TYR A 576 -28.47 27.50 -11.89
N GLN A 577 -28.26 28.27 -12.97
CA GLN A 577 -28.12 27.70 -14.30
C GLN A 577 -26.76 27.03 -14.51
N GLY A 578 -26.77 25.90 -15.25
CA GLY A 578 -25.54 25.33 -15.80
C GLY A 578 -25.44 25.13 -17.32
N MET A 579 -24.26 25.36 -17.90
CA MET A 579 -24.08 25.13 -19.31
C MET A 579 -23.09 24.03 -19.56
N ILE A 580 -23.35 23.27 -20.63
CA ILE A 580 -22.47 22.20 -21.09
C ILE A 580 -21.95 22.45 -22.52
N LEU A 581 -20.76 22.99 -22.61
CA LEU A 581 -20.28 23.56 -23.87
C LEU A 581 -19.44 22.60 -24.74
N TRP A 582 -19.95 22.12 -25.88
CA TRP A 582 -19.18 21.14 -26.65
C TRP A 582 -18.38 21.90 -27.66
N ASN A 583 -17.07 21.64 -27.69
CA ASN A 583 -16.17 22.36 -28.56
C ASN A 583 -16.29 21.88 -29.97
N GLY A 584 -17.43 21.28 -30.30
CA GLY A 584 -17.67 20.73 -31.64
C GLY A 584 -16.84 19.54 -32.10
N ARG A 585 -15.71 19.28 -31.47
CA ARG A 585 -14.96 18.12 -31.78
C ARG A 585 -15.53 16.89 -31.06
N MET B 1 2.34 27.92 11.66
CA MET B 1 2.67 26.49 11.45
C MET B 1 2.25 26.21 10.01
N LEU B 2 3.22 25.74 9.22
CA LEU B 2 3.03 25.22 7.87
C LEU B 2 2.25 23.89 7.79
N LEU B 3 0.95 24.06 7.48
CA LEU B 3 0.07 22.97 7.26
C LEU B 3 0.36 22.27 5.96
N GLU B 4 0.84 22.95 4.94
CA GLU B 4 1.38 22.13 3.79
C GLU B 4 2.43 21.05 4.14
N ALA B 5 3.00 21.00 5.35
CA ALA B 5 4.02 20.00 5.68
C ALA B 5 3.55 18.93 6.66
N ILE B 6 2.26 19.05 7.04
CA ILE B 6 1.69 18.11 7.96
C ILE B 6 1.21 16.91 7.18
N PHE B 7 1.52 15.72 7.69
CA PHE B 7 1.10 14.48 6.94
C PHE B 7 0.70 13.34 7.81
N HIS B 8 -0.32 12.63 7.34
CA HIS B 8 -0.71 11.32 7.92
C HIS B 8 -1.56 10.64 6.87
N GLU B 9 -1.69 9.33 7.03
CA GLU B 9 -2.64 8.54 6.28
C GLU B 9 -2.90 7.29 7.12
N ALA B 10 -4.16 6.88 7.08
CA ALA B 10 -4.62 5.76 7.85
C ALA B 10 -4.11 4.48 7.20
N LYS B 11 -2.81 4.40 6.97
CA LYS B 11 -2.38 3.19 6.33
C LYS B 11 -0.91 3.14 6.11
N GLY B 12 -0.48 2.04 5.54
CA GLY B 12 0.92 1.88 5.21
C GLY B 12 1.72 1.87 6.50
N SER B 13 2.63 2.80 6.63
CA SER B 13 3.35 2.82 7.88
C SER B 13 3.08 4.11 8.67
N TYR B 14 1.98 4.84 8.39
CA TYR B 14 1.48 5.92 9.31
C TYR B 14 0.38 5.42 10.26
N ALA B 15 -0.13 4.22 9.98
CA ALA B 15 -1.14 3.67 10.79
C ALA B 15 -1.14 2.22 10.49
N TYR B 16 -0.89 1.45 11.53
CA TYR B 16 -0.80 -0.01 11.44
C TYR B 16 -0.89 -0.56 12.89
N PRO B 17 -1.43 -1.78 13.03
CA PRO B 17 -1.61 -2.53 14.28
C PRO B 17 -0.33 -3.17 14.77
N ILE B 18 -0.08 -3.08 16.09
CA ILE B 18 1.06 -3.76 16.71
C ILE B 18 0.41 -4.93 17.50
N SER B 19 -0.91 -5.01 17.57
CA SER B 19 -1.54 -6.27 18.03
C SER B 19 -2.99 -6.22 17.61
N GLU B 20 -3.86 -7.08 18.15
CA GLU B 20 -5.26 -7.12 17.61
C GLU B 20 -6.13 -6.02 18.12
N THR B 21 -5.71 -5.38 19.22
CA THR B 21 -6.48 -4.35 19.81
C THR B 21 -5.68 -3.03 19.93
N GLN B 22 -4.56 -2.84 19.21
CA GLN B 22 -3.80 -1.57 19.37
C GLN B 22 -3.26 -1.09 18.11
N LEU B 23 -3.32 0.20 17.84
CA LEU B 23 -2.89 0.70 16.57
C LEU B 23 -1.75 1.64 16.77
N ARG B 24 -0.70 1.53 15.98
CA ARG B 24 0.26 2.61 15.91
C ARG B 24 -0.08 3.66 14.91
N VAL B 25 0.33 4.85 15.26
CA VAL B 25 -0.14 5.97 14.53
C VAL B 25 0.98 7.06 14.55
N ARG B 26 1.41 7.49 13.36
CA ARG B 26 2.50 8.46 13.20
C ARG B 26 1.96 9.66 12.46
N LEU B 27 2.60 10.82 12.72
CA LEU B 27 2.26 12.08 12.06
C LEU B 27 3.53 12.82 11.86
N ARG B 28 3.65 13.36 10.66
CA ARG B 28 4.80 14.19 10.19
C ARG B 28 4.52 15.74 10.10
N ALA B 29 5.38 16.58 10.67
CA ALA B 29 5.25 18.10 10.55
C ALA B 29 6.56 18.88 10.30
N LYS B 30 6.51 20.15 9.99
CA LYS B 30 7.81 20.79 9.85
C LYS B 30 8.58 20.90 11.22
N LYS B 31 9.88 20.69 11.20
CA LYS B 31 10.66 20.64 12.45
C LYS B 31 10.36 21.92 13.13
N GLY B 32 9.78 21.88 14.30
CA GLY B 32 9.44 23.12 14.92
C GLY B 32 7.94 23.39 15.06
N ASP B 33 7.16 23.44 13.99
CA ASP B 33 5.73 23.79 14.07
C ASP B 33 4.89 23.19 15.18
N VAL B 34 5.25 21.97 15.62
CA VAL B 34 4.33 21.27 16.52
C VAL B 34 5.01 20.94 17.88
N VAL B 35 4.46 21.42 19.00
CA VAL B 35 5.11 21.17 20.25
C VAL B 35 4.29 20.19 20.97
N ARG B 36 3.06 20.00 20.57
CA ARG B 36 2.23 18.97 21.19
C ARG B 36 1.25 18.44 20.12
N CYS B 37 0.97 17.14 20.19
CA CYS B 37 0.24 16.42 19.23
C CYS B 37 -0.52 15.34 20.00
N GLU B 38 -1.87 15.40 20.04
CA GLU B 38 -2.75 14.42 20.72
C GLU B 38 -3.71 13.78 19.71
N VAL B 39 -4.05 12.54 19.95
CA VAL B 39 -5.05 11.90 19.20
C VAL B 39 -6.30 11.67 20.03
N LEU B 40 -7.39 12.15 19.45
CA LEU B 40 -8.71 12.08 20.01
C LEU B 40 -9.44 10.98 19.27
N TYR B 41 -9.86 9.88 19.91
CA TYR B 41 -10.36 8.72 19.07
C TYR B 41 -11.48 7.90 19.73
N ALA B 42 -12.19 7.06 18.98
CA ALA B 42 -13.36 6.35 19.51
C ALA B 42 -13.63 5.20 18.56
N ASP B 43 -14.46 4.27 18.98
CA ASP B 43 -14.87 3.21 18.09
C ASP B 43 -15.66 3.85 16.96
N ARG B 44 -15.63 3.24 15.79
CA ARG B 44 -16.13 3.93 14.62
C ARG B 44 -17.67 4.10 14.59
N TYR B 45 -18.36 3.27 15.38
CA TYR B 45 -19.82 3.29 15.60
C TYR B 45 -20.21 3.89 16.96
N ALA B 46 -19.33 4.64 17.64
CA ALA B 46 -19.71 5.43 18.83
C ALA B 46 -20.79 6.48 18.54
N SER B 47 -21.68 6.70 19.52
CA SER B 47 -22.63 7.83 19.59
C SER B 47 -21.89 9.19 19.45
N PRO B 48 -22.54 10.16 18.76
CA PRO B 48 -21.92 11.51 18.66
C PRO B 48 -21.49 12.10 20.03
N GLU B 49 -22.25 11.80 21.08
CA GLU B 49 -21.94 12.48 22.28
C GLU B 49 -21.39 11.46 23.27
N GLU B 50 -20.46 10.66 22.79
CA GLU B 50 -19.67 9.90 23.75
C GLU B 50 -18.36 10.60 24.00
N GLU B 51 -17.89 10.40 25.21
CA GLU B 51 -16.57 10.83 25.62
C GLU B 51 -15.48 10.26 24.58
N LEU B 52 -14.68 11.08 23.89
CA LEU B 52 -13.52 10.56 23.10
C LEU B 52 -12.28 10.10 23.92
N ALA B 53 -11.65 8.93 23.68
CA ALA B 53 -10.28 8.65 24.27
C ALA B 53 -9.13 9.61 23.78
N HIS B 54 -8.05 9.76 24.58
CA HIS B 54 -6.92 10.68 24.24
C HIS B 54 -5.69 9.81 24.31
N ALA B 55 -4.71 10.03 23.40
CA ALA B 55 -3.40 9.39 23.44
C ALA B 55 -2.41 10.49 23.11
N LEU B 56 -1.41 10.69 23.94
CA LEU B 56 -0.48 11.69 23.66
C LEU B 56 0.65 11.14 22.71
N ALA B 57 0.78 11.66 21.48
CA ALA B 57 1.91 11.32 20.59
C ALA B 57 3.25 11.87 21.09
N GLY B 58 4.30 11.09 21.39
CA GLY B 58 5.60 11.67 21.64
C GLY B 58 6.44 11.86 20.39
N LYS B 59 7.30 12.87 20.39
CA LYS B 59 8.14 13.12 19.23
C LYS B 59 9.06 11.94 19.18
N ALA B 60 9.04 11.15 18.11
CA ALA B 60 9.73 9.83 18.06
C ALA B 60 10.94 9.93 17.20
N GLY B 61 11.17 11.11 16.56
CA GLY B 61 12.42 11.40 15.81
C GLY B 61 12.29 12.69 14.99
N SER B 62 13.39 13.20 14.43
CA SER B 62 13.33 14.39 13.55
C SER B 62 14.38 14.24 12.48
N ASP B 63 14.09 14.62 11.25
CA ASP B 63 15.12 14.52 10.21
C ASP B 63 15.61 15.91 9.83
N GLU B 64 16.10 16.11 8.60
CA GLU B 64 16.49 17.46 8.21
C GLU B 64 15.34 18.44 8.17
N ARG B 65 14.14 17.97 7.89
CA ARG B 65 12.98 18.83 7.57
C ARG B 65 11.75 18.64 8.48
N PHE B 66 11.55 17.44 9.03
CA PHE B 66 10.35 17.07 9.75
C PHE B 66 10.57 16.59 11.14
N ASP B 67 9.55 16.79 11.97
CA ASP B 67 9.39 16.15 13.28
C ASP B 67 8.42 15.05 13.07
N TYR B 68 8.61 13.95 13.80
CA TYR B 68 7.69 12.82 13.71
C TYR B 68 7.03 12.47 15.01
N PHE B 69 5.72 12.40 15.05
CA PHE B 69 5.06 12.08 16.32
C PHE B 69 4.42 10.74 16.28
N GLU B 70 4.43 10.06 17.44
CA GLU B 70 3.92 8.73 17.46
C GLU B 70 3.05 8.45 18.64
N ALA B 71 2.00 7.69 18.45
CA ALA B 71 1.12 7.30 19.54
C ALA B 71 0.53 5.91 19.29
N LEU B 72 -0.04 5.36 20.38
CA LEU B 72 -0.63 4.01 20.43
C LEU B 72 -2.09 4.21 20.83
N LEU B 73 -2.95 3.79 19.94
CA LEU B 73 -4.32 3.76 20.28
C LEU B 73 -4.79 2.40 20.86
N GLU B 74 -5.39 2.41 22.05
CA GLU B 74 -5.97 1.20 22.61
C GLU B 74 -7.37 0.95 22.02
N CYS B 75 -7.64 -0.05 21.17
CA CYS B 75 -8.98 -0.15 20.57
C CYS B 75 -9.70 -1.44 20.94
N SER B 76 -10.49 -1.50 22.01
CA SER B 76 -11.03 -2.78 22.44
C SER B 76 -11.78 -3.28 21.26
N THR B 77 -12.60 -2.42 20.68
CA THR B 77 -13.50 -2.81 19.56
C THR B 77 -12.86 -3.32 18.23
N LYS B 78 -11.54 -3.08 18.10
CA LYS B 78 -10.73 -3.33 16.93
C LYS B 78 -11.16 -2.43 15.73
N ARG B 79 -12.00 -1.43 15.97
CA ARG B 79 -12.39 -0.49 14.90
C ARG B 79 -12.21 0.92 15.49
N VAL B 80 -11.61 1.86 14.72
CA VAL B 80 -11.40 3.17 15.27
C VAL B 80 -11.40 4.26 14.24
N LYS B 81 -11.88 5.42 14.67
CA LYS B 81 -11.83 6.69 13.98
C LYS B 81 -11.12 7.66 14.97
N TYR B 82 -10.41 8.64 14.43
CA TYR B 82 -9.56 9.48 15.20
C TYR B 82 -9.23 10.76 14.40
N VAL B 83 -8.97 11.82 15.17
CA VAL B 83 -8.52 13.13 14.68
C VAL B 83 -7.32 13.52 15.60
N PHE B 84 -6.40 14.35 15.06
CA PHE B 84 -5.22 14.85 15.76
C PHE B 84 -5.45 16.30 16.21
N LEU B 85 -4.90 16.71 17.37
CA LEU B 85 -4.95 18.09 17.91
C LEU B 85 -3.51 18.67 17.86
N LEU B 86 -3.22 19.46 16.84
CA LEU B 86 -1.86 20.00 16.80
C LEU B 86 -1.72 21.32 17.60
N THR B 87 -0.79 21.34 18.58
CA THR B 87 -0.45 22.59 19.27
C THR B 87 0.90 23.21 18.83
N GLY B 88 0.83 24.50 18.45
CA GLY B 88 1.98 25.24 17.91
C GLY B 88 2.86 25.85 19.01
N PRO B 89 4.00 26.43 18.61
CA PRO B 89 4.91 27.06 19.60
C PRO B 89 4.21 28.27 20.32
N GLN B 90 3.27 28.90 19.61
CA GLN B 90 2.56 30.02 20.20
C GLN B 90 1.15 29.61 20.57
N GLY B 91 1.02 28.42 21.17
CA GLY B 91 -0.27 27.93 21.65
C GLY B 91 -1.36 27.73 20.63
N GLU B 92 -1.07 27.93 19.34
CA GLU B 92 -2.14 27.77 18.31
C GLU B 92 -2.53 26.32 18.16
N ALA B 93 -3.82 26.11 18.09
CA ALA B 93 -4.47 24.78 18.12
C ALA B 93 -5.26 24.50 16.77
N VAL B 94 -4.86 23.47 16.03
CA VAL B 94 -5.69 23.00 14.88
C VAL B 94 -5.88 21.54 14.98
N TYR B 95 -7.08 21.14 14.56
CA TYR B 95 -7.50 19.79 14.44
C TYR B 95 -7.21 19.33 13.06
N PHE B 96 -6.69 18.12 12.94
CA PHE B 96 -6.34 17.57 11.64
C PHE B 96 -6.99 16.22 11.48
N GLY B 97 -7.95 16.10 10.56
CA GLY B 97 -8.63 14.81 10.30
C GLY B 97 -8.68 14.46 8.77
N GLU B 98 -9.26 13.33 8.35
CA GLU B 98 -9.47 13.08 6.92
C GLU B 98 -9.98 14.25 6.15
N THR B 99 -10.84 15.09 6.70
CA THR B 99 -11.42 16.11 5.83
C THR B 99 -10.45 17.27 5.67
N GLY B 100 -9.56 17.43 6.63
CA GLY B 100 -8.61 18.55 6.54
C GLY B 100 -8.31 19.24 7.86
N PHE B 101 -8.08 20.54 7.82
CA PHE B 101 -7.65 21.25 9.01
C PHE B 101 -8.75 22.19 9.46
N SER B 102 -8.90 22.34 10.79
CA SER B 102 -9.88 23.28 11.30
C SER B 102 -9.72 23.49 12.77
N ALA B 103 -10.19 24.65 13.23
CA ALA B 103 -10.16 24.92 14.66
C ALA B 103 -11.36 24.29 15.30
N GLU B 104 -12.31 23.85 14.50
CA GLU B 104 -13.39 23.09 15.04
C GLU B 104 -13.23 21.60 14.73
N ARG B 105 -13.09 20.75 15.75
CA ARG B 105 -13.09 19.29 15.58
C ARG B 105 -14.03 18.75 14.48
N SER B 106 -15.31 19.09 14.54
CA SER B 106 -16.28 18.59 13.57
C SER B 106 -15.83 18.76 12.13
N LYS B 107 -15.21 19.91 11.83
CA LYS B 107 -14.88 20.24 10.45
C LYS B 107 -13.62 19.59 9.97
N ALA B 108 -12.81 19.11 10.90
CA ALA B 108 -11.56 18.39 10.63
C ALA B 108 -11.83 17.02 10.04
N GLY B 109 -12.95 16.42 10.44
CA GLY B 109 -13.28 15.09 10.04
C GLY B 109 -12.49 14.11 10.91
N VAL B 110 -12.14 12.97 10.37
CA VAL B 110 -11.83 11.87 11.22
C VAL B 110 -11.18 10.82 10.26
N PHE B 111 -9.89 10.52 10.49
CA PHE B 111 -9.23 9.37 9.88
C PHE B 111 -9.89 8.17 10.43
N GLN B 112 -10.01 7.12 9.59
CA GLN B 112 -10.52 5.83 10.17
C GLN B 112 -9.60 4.69 9.86
N TYR B 113 -9.38 3.85 10.86
CA TYR B 113 -8.75 2.55 10.61
C TYR B 113 -9.82 1.51 10.79
N ALA B 114 -10.35 0.96 9.71
CA ALA B 114 -11.71 0.42 9.74
C ALA B 114 -11.88 -0.81 10.63
N TYR B 115 -10.92 -1.72 10.58
CA TYR B 115 -10.93 -2.93 11.37
C TYR B 115 -9.51 -3.51 11.44
N ILE B 116 -9.24 -4.14 12.56
CA ILE B 116 -7.95 -4.75 12.78
C ILE B 116 -8.15 -6.27 12.80
N HIS B 117 -7.72 -6.94 11.74
CA HIS B 117 -7.85 -8.36 11.62
C HIS B 117 -6.54 -8.92 12.10
N ARG B 118 -6.60 -9.92 12.96
CA ARG B 118 -5.38 -10.52 13.59
C ARG B 118 -4.44 -11.05 12.49
N SER B 119 -4.96 -11.62 11.41
CA SER B 119 -4.10 -12.07 10.30
C SER B 119 -3.39 -10.95 9.52
N GLU B 120 -3.71 -9.69 9.80
CA GLU B 120 -3.03 -8.53 9.24
C GLU B 120 -2.10 -7.78 10.22
N VAL B 121 -1.89 -8.36 11.42
CA VAL B 121 -0.91 -7.80 12.35
C VAL B 121 0.45 -8.31 11.91
N PHE B 122 1.32 -7.44 11.39
CA PHE B 122 2.66 -7.86 10.95
C PHE B 122 3.38 -8.73 11.95
N THR B 123 3.76 -9.94 11.57
CA THR B 123 4.34 -10.86 12.54
C THR B 123 5.54 -11.51 11.96
N THR B 124 6.67 -11.37 12.69
CA THR B 124 7.98 -11.84 12.27
C THR B 124 8.44 -12.95 13.25
N PRO B 125 9.40 -13.84 12.88
CA PRO B 125 9.85 -14.82 13.89
C PRO B 125 10.59 -14.24 15.14
N GLU B 126 10.32 -14.81 16.30
CA GLU B 126 10.98 -14.40 17.52
C GLU B 126 12.53 -14.46 17.50
N TRP B 127 13.06 -15.55 16.99
CA TRP B 127 14.49 -15.70 17.12
C TRP B 127 15.11 -14.66 16.20
N ALA B 128 14.37 -14.27 15.16
CA ALA B 128 14.93 -13.29 14.23
C ALA B 128 15.05 -11.90 14.93
N LYS B 129 14.44 -11.75 16.11
CA LYS B 129 14.46 -10.43 16.76
C LYS B 129 15.76 -10.16 17.53
N GLU B 130 16.63 -11.19 17.60
CA GLU B 130 17.87 -11.10 18.33
C GLU B 130 18.97 -11.89 17.71
N ALA B 131 18.92 -11.95 16.39
CA ALA B 131 19.89 -12.63 15.63
C ALA B 131 21.03 -11.68 15.22
N VAL B 132 22.13 -12.32 14.84
CA VAL B 132 23.31 -11.77 14.23
C VAL B 132 23.55 -12.79 13.06
N ILE B 133 23.45 -12.28 11.84
CA ILE B 133 23.60 -13.18 10.74
C ILE B 133 25.03 -13.07 10.24
N TYR B 134 25.48 -14.13 9.54
CA TYR B 134 26.84 -14.30 9.02
C TYR B 134 26.70 -14.81 7.58
N GLN B 135 27.25 -14.08 6.59
CA GLN B 135 27.09 -14.54 5.25
C GLN B 135 28.27 -15.33 4.74
N ILE B 136 27.91 -16.46 4.19
CA ILE B 136 28.86 -17.35 3.57
C ILE B 136 28.53 -17.50 2.11
N PHE B 137 29.52 -17.11 1.31
CA PHE B 137 29.62 -17.37 -0.07
C PHE B 137 30.37 -18.71 -0.13
N PRO B 138 29.68 -19.84 -0.35
CA PRO B 138 30.36 -21.14 0.00
C PRO B 138 31.59 -21.63 -0.83
N GLU B 139 31.56 -21.39 -2.14
CA GLU B 139 32.81 -21.54 -2.94
C GLU B 139 34.12 -20.94 -2.34
N ARG B 140 34.03 -20.02 -1.36
CA ARG B 140 35.19 -19.25 -0.85
C ARG B 140 35.38 -19.32 0.62
N PHE B 141 34.57 -20.14 1.28
CA PHE B 141 34.68 -20.27 2.72
C PHE B 141 35.66 -21.34 3.23
N ALA B 142 35.44 -22.59 2.82
CA ALA B 142 36.28 -23.70 3.32
C ALA B 142 36.18 -24.90 2.40
N ASN B 143 37.36 -25.43 2.08
CA ASN B 143 37.45 -26.62 1.30
C ASN B 143 37.66 -27.82 2.22
N GLY B 144 36.62 -28.41 2.78
CA GLY B 144 36.88 -29.42 3.74
C GLY B 144 36.91 -30.74 2.97
N ASP B 145 36.77 -30.67 1.66
CA ASP B 145 36.80 -31.92 0.90
C ASP B 145 37.34 -31.74 -0.49
N PRO B 146 38.67 -31.94 -0.66
CA PRO B 146 39.28 -31.50 -1.90
C PRO B 146 38.93 -32.46 -3.08
N SER B 147 38.29 -33.56 -2.78
CA SER B 147 38.11 -34.53 -3.82
C SER B 147 36.95 -34.17 -4.74
N ASN B 148 36.25 -33.07 -4.46
CA ASN B 148 35.01 -32.70 -5.15
C ASN B 148 35.31 -31.38 -5.83
N ASP B 149 36.57 -30.96 -5.75
CA ASP B 149 36.94 -29.65 -6.26
C ASP B 149 36.68 -29.61 -7.72
N PRO B 150 36.23 -28.47 -8.26
CA PRO B 150 36.22 -28.33 -9.72
C PRO B 150 37.66 -28.32 -10.30
N PRO B 151 37.83 -28.68 -11.59
CA PRO B 151 39.23 -28.60 -12.07
C PRO B 151 39.59 -27.14 -12.31
N GLY B 152 40.89 -26.81 -12.18
CA GLY B 152 41.35 -25.41 -12.33
C GLY B 152 41.49 -24.68 -11.01
N THR B 153 41.00 -25.31 -9.96
CA THR B 153 41.02 -24.83 -8.59
C THR B 153 42.35 -24.25 -8.24
N GLU B 154 42.39 -22.92 -8.12
CA GLU B 154 43.58 -22.10 -7.72
C GLU B 154 43.91 -22.18 -6.25
N GLN B 155 45.04 -21.59 -5.91
CA GLN B 155 45.72 -21.66 -4.64
C GLN B 155 44.86 -20.97 -3.62
N TRP B 156 44.59 -21.67 -2.52
CA TRP B 156 43.86 -21.06 -1.38
C TRP B 156 44.84 -20.26 -0.59
N ALA B 157 45.16 -19.07 -1.04
CA ALA B 157 46.13 -18.29 -0.31
C ALA B 157 45.56 -16.88 -0.08
N LYS B 158 46.12 -16.11 0.85
CA LYS B 158 45.72 -14.72 1.08
C LYS B 158 45.75 -13.71 -0.11
N ASP B 159 46.74 -13.87 -0.96
CA ASP B 159 47.02 -12.91 -2.01
C ASP B 159 46.39 -13.41 -3.31
N ALA B 160 45.32 -14.20 -3.22
CA ALA B 160 44.58 -14.60 -4.41
C ALA B 160 43.71 -13.46 -4.98
N ARG B 161 43.80 -13.11 -6.25
CA ARG B 161 42.81 -12.18 -6.75
C ARG B 161 41.88 -12.84 -7.79
N PRO B 162 40.64 -13.23 -7.38
CA PRO B 162 39.64 -13.96 -8.32
C PRO B 162 39.29 -13.26 -9.59
N ARG B 163 39.29 -14.03 -10.66
CA ARG B 163 38.78 -13.60 -11.96
C ARG B 163 37.30 -14.00 -11.90
N HIS B 164 36.48 -13.43 -12.75
CA HIS B 164 35.11 -13.92 -12.89
C HIS B 164 34.92 -15.45 -13.02
N ASP B 165 35.95 -16.19 -13.40
CA ASP B 165 35.81 -17.64 -13.56
C ASP B 165 36.55 -18.48 -12.50
N SER B 166 37.13 -17.92 -11.43
CA SER B 166 37.89 -18.75 -10.45
C SER B 166 37.05 -19.69 -9.58
N PHE B 167 37.69 -20.79 -9.21
CA PHE B 167 37.13 -21.71 -8.25
C PHE B 167 38.22 -21.87 -7.23
N TYR B 168 37.87 -22.06 -5.96
CA TYR B 168 38.88 -22.38 -4.93
C TYR B 168 38.52 -23.66 -4.17
N GLY B 169 37.43 -24.31 -4.56
CA GLY B 169 37.03 -25.56 -3.94
C GLY B 169 36.41 -25.53 -2.57
N GLY B 170 35.85 -24.33 -2.17
CA GLY B 170 34.99 -24.24 -0.97
C GLY B 170 33.78 -25.18 -1.08
N ASP B 171 33.31 -25.81 0.00
CA ASP B 171 32.18 -26.73 -0.13
C ASP B 171 31.51 -26.72 1.23
N LEU B 172 30.43 -27.48 1.36
CA LEU B 172 29.69 -27.68 2.65
C LEU B 172 30.45 -28.31 3.86
N LYS B 173 31.33 -29.26 3.59
CA LYS B 173 32.04 -29.96 4.62
C LYS B 173 33.01 -28.89 5.16
N GLY B 174 33.31 -27.93 4.28
CA GLY B 174 34.13 -26.83 4.68
C GLY B 174 33.45 -26.13 5.84
N VAL B 175 32.15 -25.82 5.61
CA VAL B 175 31.34 -25.14 6.62
C VAL B 175 31.20 -25.95 7.92
N ILE B 176 30.83 -27.23 7.85
CA ILE B 176 30.69 -28.09 9.05
C ILE B 176 31.96 -28.01 9.86
N ASP B 177 33.13 -28.11 9.20
CA ASP B 177 34.46 -28.12 9.91
C ASP B 177 34.76 -26.76 10.59
N ARG B 178 34.31 -25.70 9.97
CA ARG B 178 34.36 -24.41 10.62
C ARG B 178 33.24 -24.05 11.61
N LEU B 179 32.19 -24.85 11.74
CA LEU B 179 31.22 -24.49 12.80
C LEU B 179 31.86 -24.00 14.15
N PRO B 180 32.87 -24.73 14.72
CA PRO B 180 33.44 -24.17 15.96
C PRO B 180 33.94 -22.70 15.89
N TYR B 181 34.50 -22.27 14.78
CA TYR B 181 34.86 -20.84 14.64
C TYR B 181 33.66 -19.89 14.73
N LEU B 182 32.69 -20.13 13.85
CA LEU B 182 31.38 -19.46 13.87
C LEU B 182 30.72 -19.37 15.26
N GLU B 183 30.71 -20.49 16.00
CA GLU B 183 30.02 -20.49 17.29
C GLU B 183 30.76 -19.65 18.26
N GLU B 184 32.09 -19.64 18.13
CA GLU B 184 32.92 -18.88 18.99
C GLU B 184 32.67 -17.40 18.68
N LEU B 185 32.47 -17.10 17.40
CA LEU B 185 32.22 -15.74 17.03
C LEU B 185 30.86 -15.29 17.64
N GLY B 186 29.96 -16.22 17.91
CA GLY B 186 28.72 -15.76 18.51
C GLY B 186 27.56 -15.62 17.54
N VAL B 187 27.74 -16.10 16.29
CA VAL B 187 26.74 -15.87 15.21
C VAL B 187 25.58 -16.79 15.55
N THR B 188 24.32 -16.35 15.31
CA THR B 188 23.14 -17.16 15.59
C THR B 188 22.51 -17.69 14.28
N ALA B 189 22.82 -17.09 13.11
CA ALA B 189 22.36 -17.66 11.82
C ALA B 189 23.34 -17.47 10.69
N LEU B 190 23.27 -18.37 9.71
CA LEU B 190 24.09 -18.33 8.52
C LEU B 190 23.30 -18.04 7.25
N TYR B 191 23.78 -17.05 6.49
CA TYR B 191 23.16 -16.79 5.20
C TYR B 191 24.00 -17.39 4.06
N PHE B 192 23.59 -18.52 3.47
CA PHE B 192 24.29 -19.00 2.26
C PHE B 192 23.89 -18.39 0.96
N THR B 193 24.85 -17.95 0.17
CA THR B 193 24.45 -17.68 -1.21
C THR B 193 24.01 -19.05 -1.94
N PRO B 194 23.79 -19.03 -3.25
CA PRO B 194 23.21 -20.33 -3.69
C PRO B 194 24.15 -21.60 -3.62
N ILE B 195 23.62 -22.70 -3.05
CA ILE B 195 24.24 -24.00 -3.01
C ILE B 195 23.65 -25.06 -4.01
N PHE B 196 22.69 -24.69 -4.91
CA PHE B 196 22.10 -25.67 -5.82
C PHE B 196 22.90 -25.83 -7.11
N ALA B 197 22.88 -27.05 -7.66
CA ALA B 197 23.63 -27.41 -8.86
C ALA B 197 23.62 -26.26 -9.87
N SER B 198 24.80 -25.76 -10.21
CA SER B 198 24.97 -24.77 -11.29
C SER B 198 26.44 -24.74 -11.87
N PRO B 199 26.57 -24.52 -13.19
CA PRO B 199 27.94 -24.45 -13.74
C PRO B 199 28.94 -23.39 -13.10
N SER B 200 28.44 -22.27 -12.53
CA SER B 200 29.32 -21.09 -12.17
C SER B 200 29.85 -21.21 -10.82
N HIS B 201 30.68 -20.28 -10.46
CA HIS B 201 31.20 -20.24 -9.09
C HIS B 201 30.22 -19.55 -8.06
N HIS B 202 29.31 -18.72 -8.60
CA HIS B 202 28.46 -17.92 -7.77
C HIS B 202 27.17 -18.68 -7.76
N LYS B 203 26.96 -19.46 -8.84
CA LYS B 203 25.85 -20.43 -8.90
C LYS B 203 24.46 -19.83 -8.86
N TYR B 204 24.29 -18.65 -9.43
CA TYR B 204 22.99 -18.00 -9.55
C TYR B 204 22.26 -18.38 -10.85
N ASP B 205 22.94 -19.11 -11.73
CA ASP B 205 22.38 -19.72 -12.93
C ASP B 205 21.97 -21.20 -12.62
N THR B 206 20.85 -21.35 -11.92
CA THR B 206 20.47 -22.61 -11.40
C THR B 206 20.26 -23.55 -12.58
N ALA B 207 20.81 -24.75 -12.47
CA ALA B 207 20.62 -25.77 -13.47
C ALA B 207 19.81 -26.84 -12.81
N ASP B 208 20.01 -27.04 -11.52
CA ASP B 208 19.09 -27.93 -10.82
C ASP B 208 18.79 -27.52 -9.35
N TYR B 209 17.52 -27.08 -9.21
CA TYR B 209 16.92 -26.52 -7.98
C TYR B 209 16.84 -27.58 -6.88
N LEU B 210 16.64 -28.82 -7.27
CA LEU B 210 16.49 -29.92 -6.32
C LEU B 210 17.78 -30.65 -5.93
N ALA B 211 18.95 -30.19 -6.34
CA ALA B 211 20.21 -30.90 -6.05
C ALA B 211 21.21 -29.98 -5.42
N ILE B 212 21.85 -30.44 -4.36
CA ILE B 212 23.02 -29.71 -3.88
C ILE B 212 24.04 -29.73 -5.02
N ASP B 213 24.70 -28.59 -5.32
CA ASP B 213 25.71 -28.59 -6.36
C ASP B 213 26.68 -29.71 -6.00
N PRO B 214 26.86 -30.65 -6.96
CA PRO B 214 27.94 -31.65 -6.75
C PRO B 214 29.27 -31.04 -6.19
N GLN B 215 29.79 -29.96 -6.74
CA GLN B 215 31.10 -29.57 -6.19
C GLN B 215 31.03 -29.03 -4.74
N PHE B 216 29.83 -28.95 -4.21
CA PHE B 216 29.66 -28.47 -2.87
C PHE B 216 29.42 -29.60 -1.99
N GLY B 217 28.77 -30.65 -2.51
CA GLY B 217 28.60 -31.90 -1.77
C GLY B 217 27.35 -32.55 -2.21
N ASP B 218 26.56 -32.98 -1.25
CA ASP B 218 25.35 -33.70 -1.62
C ASP B 218 24.30 -33.57 -0.47
N LEU B 219 23.10 -34.13 -0.65
CA LEU B 219 22.07 -34.05 0.36
C LEU B 219 22.56 -34.50 1.75
N PRO B 220 22.85 -35.81 1.95
CA PRO B 220 23.32 -36.26 3.25
C PRO B 220 24.20 -35.25 3.98
N THR B 221 25.29 -34.77 3.32
CA THR B 221 26.16 -33.64 3.82
C THR B 221 25.37 -32.37 4.21
N PHE B 222 24.46 -31.94 3.32
CA PHE B 222 23.68 -30.78 3.63
C PHE B 222 22.87 -31.01 4.89
N ARG B 223 22.13 -32.09 4.94
CA ARG B 223 21.40 -32.50 6.14
C ARG B 223 22.29 -32.39 7.37
N ARG B 224 23.57 -32.78 7.28
CA ARG B 224 24.37 -32.84 8.49
C ARG B 224 24.76 -31.47 8.86
N LEU B 225 25.21 -30.68 7.89
CA LEU B 225 25.42 -29.21 8.08
C LEU B 225 24.29 -28.54 8.89
N VAL B 226 23.08 -28.66 8.35
CA VAL B 226 21.87 -28.17 9.01
C VAL B 226 21.80 -28.63 10.51
N ASP B 227 21.87 -29.94 10.72
CA ASP B 227 21.83 -30.46 12.11
C ASP B 227 22.92 -30.01 12.97
N GLU B 228 24.11 -29.92 12.39
CA GLU B 228 25.30 -29.59 13.14
C GLU B 228 25.25 -28.13 13.58
N ALA B 229 24.72 -27.29 12.67
CA ALA B 229 24.52 -25.86 13.00
C ALA B 229 23.51 -25.71 14.08
N HIS B 230 22.36 -26.38 13.87
CA HIS B 230 21.23 -26.23 14.75
C HIS B 230 21.71 -26.46 16.16
N ARG B 231 22.61 -27.45 16.34
CA ARG B 231 22.93 -27.86 17.73
C ARG B 231 23.97 -27.02 18.38
N ARG B 232 24.64 -26.25 17.52
CA ARG B 232 25.62 -25.28 17.87
C ARG B 232 24.85 -23.91 17.96
N GLY B 233 23.51 -23.91 18.06
CA GLY B 233 22.78 -22.61 18.24
C GLY B 233 22.68 -21.80 16.94
N ILE B 234 22.94 -22.42 15.79
CA ILE B 234 22.94 -21.71 14.55
C ILE B 234 21.85 -22.15 13.55
N LYS B 235 21.30 -21.16 12.83
CA LYS B 235 20.24 -21.40 11.82
C LYS B 235 20.71 -21.28 10.38
N ILE B 236 19.98 -21.92 9.46
CA ILE B 236 20.35 -21.98 8.07
C ILE B 236 19.37 -21.16 7.20
N ILE B 237 19.86 -20.18 6.45
CA ILE B 237 19.01 -19.40 5.57
C ILE B 237 19.55 -19.63 4.20
N LEU B 238 18.70 -20.06 3.27
CA LEU B 238 19.16 -20.44 1.93
C LEU B 238 18.85 -19.33 1.00
N ASP B 239 19.65 -19.15 -0.09
CA ASP B 239 19.43 -18.05 -1.06
C ASP B 239 18.49 -18.62 -2.14
N ALA B 240 17.32 -18.03 -2.40
CA ALA B 240 16.36 -18.56 -3.35
C ALA B 240 16.34 -17.72 -4.57
N VAL B 241 16.67 -18.33 -5.70
CA VAL B 241 16.86 -17.57 -6.96
C VAL B 241 15.62 -17.68 -7.90
N PHE B 242 14.48 -17.00 -7.57
CA PHE B 242 13.26 -17.17 -8.32
C PHE B 242 13.01 -16.16 -9.45
N ASN B 243 13.87 -15.18 -9.56
CA ASN B 243 13.57 -14.23 -10.60
C ASN B 243 13.87 -14.86 -11.97
N HIS B 244 14.90 -15.76 -12.02
CA HIS B 244 15.43 -16.28 -13.27
C HIS B 244 16.02 -17.65 -13.06
N ALA B 245 16.07 -18.41 -14.16
CA ALA B 245 16.74 -19.70 -14.18
C ALA B 245 18.17 -19.60 -14.76
N GLY B 246 18.94 -20.66 -14.50
CA GLY B 246 20.06 -21.03 -15.33
C GLY B 246 19.62 -21.55 -16.69
N ASP B 247 20.38 -21.18 -17.72
CA ASP B 247 20.24 -21.78 -19.07
C ASP B 247 20.48 -23.30 -19.09
N GLN B 248 21.03 -23.88 -18.04
CA GLN B 248 20.91 -25.33 -17.97
C GLN B 248 19.68 -25.82 -17.27
N PHE B 249 18.93 -25.00 -16.54
CA PHE B 249 17.56 -25.43 -16.11
C PHE B 249 16.78 -26.40 -17.14
N PHE B 250 16.39 -27.59 -16.70
CA PHE B 250 15.72 -28.52 -17.64
C PHE B 250 14.58 -27.89 -18.50
N ALA B 251 13.76 -27.06 -17.87
CA ALA B 251 12.67 -26.44 -18.61
C ALA B 251 13.19 -25.54 -19.78
N PHE B 252 14.37 -24.91 -19.65
CA PHE B 252 14.82 -23.93 -20.65
C PHE B 252 15.52 -24.71 -21.73
N ARG B 253 16.24 -25.74 -21.28
CA ARG B 253 16.93 -26.64 -22.15
C ARG B 253 15.87 -27.36 -22.98
N ASP B 254 14.68 -27.61 -22.47
CA ASP B 254 13.64 -28.13 -23.34
C ASP B 254 13.14 -27.10 -24.34
N VAL B 255 13.24 -25.81 -24.02
CA VAL B 255 12.85 -24.71 -24.93
C VAL B 255 13.93 -24.40 -25.95
N LEU B 256 15.18 -24.44 -25.54
CA LEU B 256 16.33 -24.44 -26.46
C LEU B 256 16.25 -25.55 -27.60
N GLN B 257 15.44 -26.59 -27.37
CA GLN B 257 15.43 -27.71 -28.27
C GLN B 257 14.16 -27.79 -29.03
N LYS B 258 13.03 -27.74 -28.36
CA LYS B 258 11.83 -27.84 -29.06
C LYS B 258 11.27 -26.47 -29.58
N GLY B 259 11.91 -25.39 -29.14
CA GLY B 259 11.30 -24.07 -29.28
C GLY B 259 9.77 -24.01 -29.06
N GLU B 260 9.08 -23.58 -30.09
CA GLU B 260 7.66 -23.34 -30.05
C GLU B 260 6.83 -24.60 -29.79
N GLN B 261 7.43 -25.78 -29.91
CA GLN B 261 6.73 -26.99 -29.58
C GLN B 261 6.92 -27.36 -28.12
N SER B 262 7.67 -26.55 -27.37
CA SER B 262 8.07 -26.87 -25.99
C SER B 262 6.90 -26.62 -25.15
N ARG B 263 6.56 -27.58 -24.31
CA ARG B 263 5.51 -27.43 -23.28
C ARG B 263 5.90 -26.35 -22.22
N TYR B 264 7.07 -25.73 -22.36
CA TYR B 264 7.53 -24.74 -21.39
C TYR B 264 7.83 -23.37 -22.01
N LYS B 265 7.71 -23.17 -23.35
CA LYS B 265 7.95 -21.81 -23.84
C LYS B 265 7.47 -20.60 -22.93
N ASP B 266 6.30 -20.83 -22.29
CA ASP B 266 5.60 -19.78 -21.50
C ASP B 266 6.06 -19.66 -20.05
N TRP B 267 6.97 -20.55 -19.65
CA TRP B 267 7.67 -20.43 -18.40
C TRP B 267 8.62 -19.30 -18.52
N PHE B 268 8.88 -18.77 -19.73
CA PHE B 268 9.94 -17.76 -19.97
C PHE B 268 9.45 -16.59 -20.81
N PHE B 269 10.36 -15.70 -21.17
CA PHE B 269 9.91 -14.45 -21.78
C PHE B 269 10.57 -14.36 -23.08
N ILE B 270 9.92 -14.89 -24.13
CA ILE B 270 10.62 -15.16 -25.41
C ILE B 270 10.17 -14.26 -26.54
N GLU B 271 11.09 -13.61 -27.23
CA GLU B 271 10.67 -12.78 -28.37
C GLU B 271 10.29 -13.64 -29.60
N ASP B 272 11.27 -14.13 -30.37
CA ASP B 272 10.92 -15.06 -31.47
C ASP B 272 11.78 -16.34 -31.39
N PHE B 273 11.57 -17.31 -32.28
CA PHE B 273 12.42 -18.57 -32.38
C PHE B 273 13.42 -18.66 -33.64
N PRO B 274 14.46 -19.56 -33.63
CA PRO B 274 14.86 -20.60 -32.66
C PRO B 274 15.33 -19.92 -31.35
N VAL B 275 15.05 -20.52 -30.20
CA VAL B 275 15.46 -19.93 -28.93
C VAL B 275 16.45 -18.80 -29.06
N SER B 276 17.77 -19.03 -29.01
CA SER B 276 18.72 -17.92 -29.35
C SER B 276 20.16 -18.25 -29.63
N LYS B 277 20.51 -18.02 -30.92
CA LYS B 277 21.89 -17.92 -31.49
C LYS B 277 22.84 -17.05 -30.57
N THR B 278 23.36 -17.75 -29.54
CA THR B 278 24.07 -17.27 -28.31
C THR B 278 24.53 -15.81 -28.25
N SER B 279 25.16 -15.36 -29.35
CA SER B 279 25.42 -13.92 -29.67
C SER B 279 24.80 -12.88 -28.68
N ARG B 280 23.54 -12.51 -29.00
CA ARG B 280 22.75 -11.46 -28.34
C ARG B 280 21.99 -11.96 -27.10
N THR B 281 20.81 -12.55 -27.35
CA THR B 281 19.81 -12.99 -26.34
C THR B 281 18.48 -12.42 -26.81
N ASN B 282 17.63 -13.28 -27.32
CA ASN B 282 16.30 -12.84 -27.70
C ASN B 282 15.20 -13.39 -26.72
N TYR B 283 15.41 -13.08 -25.45
CA TYR B 283 14.53 -13.48 -24.39
C TYR B 283 15.02 -12.72 -23.16
N GLU B 284 14.14 -12.55 -22.19
CA GLU B 284 14.40 -11.62 -21.12
C GLU B 284 15.39 -12.29 -20.21
N THR B 285 16.27 -11.54 -19.59
CA THR B 285 17.25 -12.17 -18.71
C THR B 285 17.47 -11.32 -17.45
N PHE B 286 18.05 -11.84 -16.39
CA PHE B 286 18.48 -10.96 -15.33
C PHE B 286 19.32 -9.84 -16.02
N ALA B 287 19.27 -8.61 -15.51
CA ALA B 287 19.94 -7.45 -16.08
C ALA B 287 19.85 -7.36 -17.61
N VAL B 288 20.91 -6.84 -18.22
CA VAL B 288 20.99 -6.80 -19.68
C VAL B 288 21.87 -7.93 -20.31
N GLN B 289 21.25 -8.69 -21.24
CA GLN B 289 21.93 -9.65 -22.10
C GLN B 289 22.79 -10.59 -21.23
N VAL B 290 22.16 -11.36 -20.34
CA VAL B 290 22.87 -12.33 -19.54
C VAL B 290 22.38 -13.71 -20.00
N PRO B 291 22.98 -14.20 -21.11
CA PRO B 291 22.37 -15.45 -21.69
C PRO B 291 22.19 -16.65 -20.67
N ALA B 292 23.06 -16.79 -19.66
CA ALA B 292 23.00 -17.97 -18.76
C ALA B 292 21.77 -17.87 -17.85
N MET B 293 21.22 -16.66 -17.78
CA MET B 293 20.23 -16.29 -16.75
C MET B 293 18.87 -15.87 -17.36
N PRO B 294 18.15 -16.82 -18.01
CA PRO B 294 16.80 -16.51 -18.52
C PRO B 294 15.70 -16.16 -17.44
N LYS B 295 15.00 -15.05 -17.61
CA LYS B 295 13.90 -14.67 -16.69
C LYS B 295 12.73 -15.69 -16.57
N LEU B 296 12.24 -16.00 -15.36
CA LEU B 296 11.09 -16.90 -15.25
C LEU B 296 9.79 -16.10 -15.18
N ARG B 297 8.70 -16.65 -15.71
CA ARG B 297 7.46 -15.93 -15.69
C ARG B 297 6.64 -16.43 -14.46
N THR B 298 6.89 -15.83 -13.29
CA THR B 298 6.36 -16.35 -12.04
C THR B 298 4.87 -16.06 -12.10
N GLU B 299 4.44 -15.20 -13.03
CA GLU B 299 3.03 -14.88 -13.10
C GLU B 299 2.34 -16.12 -13.63
N ASN B 300 3.07 -16.93 -14.38
CA ASN B 300 2.57 -18.21 -14.82
C ASN B 300 2.34 -19.14 -13.64
N PRO B 301 1.11 -19.64 -13.43
CA PRO B 301 0.87 -20.52 -12.25
C PRO B 301 1.70 -21.81 -12.21
N GLU B 302 2.14 -22.27 -13.37
CA GLU B 302 2.85 -23.55 -13.39
C GLU B 302 4.23 -23.29 -12.89
N VAL B 303 4.73 -22.10 -13.20
CA VAL B 303 6.00 -21.64 -12.63
C VAL B 303 5.86 -21.55 -11.09
N LYS B 304 4.94 -20.72 -10.61
CA LYS B 304 4.61 -20.57 -9.23
C LYS B 304 4.58 -21.95 -8.58
N GLU B 305 3.85 -22.91 -9.18
CA GLU B 305 3.72 -24.26 -8.56
C GLU B 305 5.06 -24.99 -8.38
N TYR B 306 5.88 -24.82 -9.39
CA TYR B 306 7.12 -25.49 -9.44
C TYR B 306 8.09 -24.92 -8.40
N LEU B 307 8.21 -23.58 -8.37
CA LEU B 307 9.06 -22.88 -7.36
C LEU B 307 8.55 -23.19 -5.97
N PHE B 308 7.24 -23.22 -5.81
CA PHE B 308 6.75 -23.55 -4.50
C PHE B 308 7.12 -24.97 -4.05
N ASP B 309 7.26 -25.93 -4.98
CA ASP B 309 7.63 -27.32 -4.60
C ASP B 309 9.14 -27.41 -4.30
N VAL B 310 9.95 -26.60 -5.02
CA VAL B 310 11.34 -26.39 -4.69
C VAL B 310 11.41 -25.90 -3.26
N ALA B 311 10.63 -24.88 -2.92
CA ALA B 311 10.69 -24.33 -1.55
C ALA B 311 10.27 -25.39 -0.59
N ARG B 312 9.11 -26.02 -0.81
CA ARG B 312 8.72 -27.17 0.09
C ARG B 312 9.80 -28.16 0.31
N PHE B 313 10.64 -28.41 -0.71
CA PHE B 313 11.57 -29.55 -0.65
C PHE B 313 12.69 -29.21 0.34
N TRP B 314 13.12 -27.95 0.28
CA TRP B 314 14.19 -27.48 1.16
C TRP B 314 13.70 -27.21 2.60
N MET B 315 12.49 -26.75 2.74
CA MET B 315 11.96 -26.68 4.07
C MET B 315 11.79 -28.04 4.73
N GLU B 316 11.62 -29.10 3.95
CA GLU B 316 11.57 -30.39 4.60
C GLU B 316 12.98 -30.81 5.04
N GLN B 317 14.05 -30.15 4.52
CA GLN B 317 15.40 -30.43 4.96
C GLN B 317 15.77 -29.85 6.34
N GLY B 318 14.87 -29.04 6.89
CA GLY B 318 15.14 -28.37 8.14
C GLY B 318 15.68 -26.97 8.02
N ILE B 319 15.76 -26.36 6.82
CA ILE B 319 16.19 -24.95 6.77
C ILE B 319 15.26 -24.01 7.57
N ASP B 320 15.72 -22.78 7.86
CA ASP B 320 14.93 -21.89 8.75
C ASP B 320 14.56 -20.58 8.06
N GLY B 321 14.76 -20.45 6.75
CA GLY B 321 14.37 -19.23 6.10
C GLY B 321 14.98 -19.03 4.73
N TRP B 322 14.60 -17.95 4.06
CA TRP B 322 14.93 -17.75 2.71
C TRP B 322 15.45 -16.31 2.63
N ARG B 323 16.47 -16.02 1.82
CA ARG B 323 16.81 -14.66 1.36
C ARG B 323 16.41 -14.72 -0.15
N LEU B 324 15.79 -13.67 -0.69
CA LEU B 324 15.14 -13.79 -2.01
C LEU B 324 15.84 -12.93 -3.02
N ASP B 325 16.40 -13.64 -4.00
CA ASP B 325 17.24 -13.03 -5.00
C ASP B 325 16.43 -12.10 -5.93
N VAL B 326 16.89 -10.87 -6.16
CA VAL B 326 16.16 -9.95 -7.03
C VAL B 326 14.63 -9.88 -6.70
N ALA B 327 14.25 -9.86 -5.41
CA ALA B 327 12.83 -10.09 -5.08
C ALA B 327 11.91 -9.05 -5.69
N ASN B 328 12.47 -7.90 -6.07
CA ASN B 328 11.63 -6.81 -6.54
C ASN B 328 11.19 -6.93 -8.04
N GLU B 329 11.68 -7.98 -8.71
CA GLU B 329 11.30 -8.17 -10.11
C GLU B 329 10.42 -9.44 -10.19
N VAL B 330 9.92 -9.92 -9.08
CA VAL B 330 8.89 -10.97 -9.02
C VAL B 330 7.55 -10.36 -8.46
N ASP B 331 6.39 -10.64 -9.06
CA ASP B 331 5.07 -9.96 -8.72
C ASP B 331 4.69 -10.09 -7.21
N HIS B 332 3.98 -9.10 -6.71
CA HIS B 332 3.52 -9.18 -5.34
C HIS B 332 2.63 -10.40 -5.08
N ALA B 333 1.76 -10.77 -6.05
CA ALA B 333 0.92 -11.95 -5.82
C ALA B 333 1.78 -13.14 -5.44
N PHE B 334 2.92 -13.26 -6.13
CA PHE B 334 3.79 -14.39 -5.87
C PHE B 334 4.26 -14.44 -4.38
N TRP B 335 4.85 -13.31 -4.01
CA TRP B 335 5.25 -13.15 -2.62
C TRP B 335 4.15 -13.40 -1.55
N ARG B 336 2.94 -12.82 -1.69
CA ARG B 336 1.89 -13.00 -0.67
C ARG B 336 1.62 -14.48 -0.52
N GLU B 337 1.66 -15.18 -1.67
CA GLU B 337 1.26 -16.58 -1.65
C GLU B 337 2.44 -17.36 -1.17
N PHE B 338 3.64 -16.85 -1.52
CA PHE B 338 4.86 -17.48 -0.96
C PHE B 338 4.95 -17.45 0.60
N ARG B 339 4.67 -16.28 1.15
CA ARG B 339 4.58 -16.16 2.55
C ARG B 339 3.50 -17.07 3.12
N ARG B 340 2.40 -17.29 2.42
CA ARG B 340 1.35 -18.08 3.10
C ARG B 340 1.84 -19.58 3.21
N LEU B 341 2.55 -20.00 2.14
CA LEU B 341 3.15 -21.28 2.04
C LEU B 341 4.27 -21.45 3.03
N VAL B 342 5.31 -20.62 2.99
CA VAL B 342 6.39 -20.76 4.01
C VAL B 342 5.91 -20.69 5.46
N LYS B 343 5.03 -19.75 5.71
CA LYS B 343 4.54 -19.67 7.09
C LYS B 343 3.66 -20.84 7.52
N SER B 344 2.91 -21.44 6.57
CA SER B 344 2.02 -22.49 7.02
C SER B 344 2.87 -23.72 7.31
N LEU B 345 4.00 -23.92 6.59
CA LEU B 345 4.91 -25.05 6.84
C LEU B 345 5.79 -24.82 8.00
N ASN B 346 6.13 -23.57 8.32
CA ASN B 346 6.98 -23.27 9.51
C ASN B 346 6.90 -21.81 10.00
N PRO B 347 6.06 -21.56 11.00
CA PRO B 347 5.85 -20.16 11.37
C PRO B 347 7.11 -19.44 11.73
N ASP B 348 8.19 -20.11 12.17
CA ASP B 348 9.55 -19.45 12.45
C ASP B 348 10.57 -19.42 11.25
N ALA B 349 10.10 -19.61 10.03
CA ALA B 349 10.97 -19.51 8.89
C ALA B 349 11.04 -18.02 8.53
N LEU B 350 12.21 -17.38 8.65
CA LEU B 350 12.49 -16.04 8.09
C LEU B 350 12.41 -15.79 6.54
N ILE B 351 11.95 -14.61 6.13
CA ILE B 351 11.93 -14.30 4.72
C ILE B 351 12.48 -12.93 4.52
N VAL B 352 13.60 -12.84 3.79
CA VAL B 352 14.33 -11.58 3.67
C VAL B 352 14.37 -11.29 2.21
N GLY B 353 14.02 -10.08 1.75
CA GLY B 353 14.14 -9.90 0.31
C GLY B 353 15.42 -9.10 0.00
N GLU B 354 16.08 -9.42 -1.10
CA GLU B 354 17.14 -8.53 -1.57
C GLU B 354 16.58 -7.34 -2.37
N ILE B 355 16.40 -6.16 -1.77
CA ILE B 355 15.95 -4.89 -2.53
C ILE B 355 16.84 -3.72 -2.06
N TRP B 356 17.38 -2.96 -2.99
CA TRP B 356 18.43 -2.02 -2.62
C TRP B 356 17.81 -0.64 -2.36
N HIS B 357 16.73 -0.33 -3.09
CA HIS B 357 15.90 0.90 -2.86
C HIS B 357 14.92 0.79 -1.69
N ASP B 358 14.00 1.75 -1.65
CA ASP B 358 12.91 1.74 -0.67
C ASP B 358 12.04 0.47 -0.76
N ALA B 359 11.96 -0.33 0.28
CA ALA B 359 11.23 -1.55 0.16
C ALA B 359 9.89 -1.56 0.89
N SER B 360 9.21 -0.42 1.06
CA SER B 360 7.92 -0.31 1.83
C SER B 360 6.84 -1.23 1.24
N GLY B 361 6.63 -1.09 -0.08
CA GLY B 361 5.72 -2.00 -0.76
C GLY B 361 5.77 -3.43 -0.22
N TRP B 362 6.94 -4.00 0.09
CA TRP B 362 7.04 -5.44 0.45
C TRP B 362 7.15 -5.69 1.90
N LEU B 363 6.93 -4.64 2.69
CA LEU B 363 7.14 -4.73 4.13
C LEU B 363 5.92 -4.33 4.97
N MET B 364 4.75 -4.54 4.43
CA MET B 364 3.59 -4.20 5.15
C MET B 364 3.13 -5.43 6.05
N GLY B 365 3.72 -6.62 5.93
CA GLY B 365 3.29 -7.71 6.78
C GLY B 365 2.77 -8.89 5.96
N ASP B 366 2.61 -8.67 4.68
CA ASP B 366 2.00 -9.68 3.86
C ASP B 366 2.96 -10.29 2.88
N GLN B 367 4.21 -9.80 2.83
CA GLN B 367 5.20 -10.30 1.90
C GLN B 367 6.46 -10.74 2.66
N PHE B 368 7.44 -9.87 2.82
CA PHE B 368 8.69 -10.23 3.51
C PHE B 368 8.72 -9.89 4.95
N ASP B 369 9.53 -10.59 5.75
CA ASP B 369 9.84 -10.17 7.13
C ASP B 369 10.89 -9.04 7.16
N SER B 370 11.76 -9.00 6.14
CA SER B 370 12.91 -8.09 6.22
C SER B 370 13.50 -7.87 4.89
N VAL B 371 14.38 -6.89 4.82
CA VAL B 371 15.26 -6.84 3.63
C VAL B 371 16.78 -6.71 3.95
N MET B 372 17.59 -6.83 2.92
CA MET B 372 18.99 -6.53 3.07
C MET B 372 19.02 -5.04 3.00
N ASN B 373 19.22 -4.40 4.17
CA ASN B 373 19.07 -2.95 4.30
C ASN B 373 20.24 -2.15 3.65
N TYR B 374 20.21 -2.03 2.32
CA TYR B 374 21.23 -1.25 1.63
C TYR B 374 21.07 0.24 1.80
N LEU B 375 19.93 0.69 2.34
CA LEU B 375 19.83 2.13 2.70
C LEU B 375 20.62 2.38 3.98
N PHE B 376 20.51 1.43 4.90
CA PHE B 376 21.40 1.47 6.00
C PHE B 376 22.90 1.46 5.56
N ARG B 377 23.26 0.70 4.55
CA ARG B 377 24.63 0.66 4.23
C ARG B 377 25.07 2.01 3.64
N GLU B 378 24.24 2.63 2.81
CA GLU B 378 24.68 3.85 2.22
C GLU B 378 24.96 4.97 3.22
N SER B 379 24.21 5.00 4.33
CA SER B 379 24.38 6.10 5.27
C SER B 379 25.66 5.83 5.98
N VAL B 380 25.93 4.53 6.18
CA VAL B 380 27.06 4.10 6.93
C VAL B 380 28.30 4.28 6.08
N ILE B 381 28.12 4.04 4.77
CA ILE B 381 29.16 4.36 3.81
C ILE B 381 29.39 5.84 3.91
N ARG B 382 28.36 6.63 3.62
CA ARG B 382 28.57 8.04 3.58
C ARG B 382 29.14 8.69 4.91
N PHE B 383 28.80 8.14 6.05
CA PHE B 383 29.23 8.70 7.27
C PHE B 383 30.60 8.17 7.78
N PHE B 384 30.80 6.84 7.77
CA PHE B 384 32.06 6.21 8.34
C PHE B 384 33.20 6.02 7.30
N ALA B 385 32.88 5.84 6.01
CA ALA B 385 33.91 5.56 5.02
C ALA B 385 34.43 6.78 4.22
N THR B 386 33.73 7.06 3.11
CA THR B 386 33.84 8.30 2.37
C THR B 386 33.74 9.60 3.20
N GLY B 387 33.02 9.67 4.31
CA GLY B 387 32.94 10.96 4.97
C GLY B 387 32.21 12.01 4.11
N GLU B 388 31.40 11.63 3.08
CA GLU B 388 30.62 12.64 2.35
C GLU B 388 29.70 13.37 3.23
N ILE B 389 29.27 12.79 4.33
CA ILE B 389 28.25 13.41 5.17
C ILE B 389 28.71 13.46 6.60
N HIS B 390 28.11 14.36 7.34
CA HIS B 390 28.40 14.52 8.74
C HIS B 390 27.30 14.00 9.66
N ALA B 391 27.54 14.08 10.96
CA ALA B 391 26.64 13.58 12.04
C ALA B 391 25.19 14.04 11.98
N GLU B 392 24.93 15.32 11.65
CA GLU B 392 23.53 15.80 11.48
C GLU B 392 22.91 15.17 10.28
N ARG B 393 23.59 15.14 9.15
CA ARG B 393 23.02 14.54 7.98
C ARG B 393 22.85 13.03 8.21
N PHE B 394 23.73 12.42 8.98
CA PHE B 394 23.68 11.00 9.27
C PHE B 394 22.44 10.73 10.10
N ASP B 395 22.37 11.32 11.27
CA ASP B 395 21.16 11.35 12.01
C ASP B 395 19.92 11.52 11.12
N ALA B 396 19.86 12.59 10.29
CA ALA B 396 18.69 12.78 9.41
C ALA B 396 18.41 11.55 8.56
N GLU B 397 19.43 11.01 7.89
CA GLU B 397 19.17 9.86 6.99
C GLU B 397 18.73 8.61 7.75
N LEU B 398 19.29 8.39 8.92
CA LEU B 398 18.84 7.21 9.64
C LEU B 398 17.38 7.42 10.06
N THR B 399 17.02 8.67 10.47
CA THR B 399 15.74 8.94 11.15
C THR B 399 14.63 8.73 10.12
N ARG B 400 14.90 9.19 8.92
CA ARG B 400 13.93 9.18 7.88
C ARG B 400 13.77 7.76 7.32
N ALA B 401 14.87 7.00 7.20
CA ALA B 401 14.81 5.55 6.77
C ALA B 401 13.96 4.75 7.77
N ARG B 402 13.85 5.31 8.97
CA ARG B 402 13.30 4.52 10.02
C ARG B 402 11.81 4.73 10.01
N MET B 403 11.31 5.79 9.34
CA MET B 403 9.86 6.04 9.35
C MET B 403 9.26 5.50 8.10
N LEU B 404 10.10 4.88 7.29
CA LEU B 404 9.62 4.39 6.00
C LEU B 404 8.75 3.17 6.16
N TYR B 405 8.92 2.42 7.25
CA TYR B 405 8.27 1.14 7.36
C TYR B 405 7.70 0.94 8.74
N PRO B 406 6.86 -0.06 8.93
CA PRO B 406 6.45 -0.42 10.29
C PRO B 406 7.58 -0.95 11.20
N GLU B 407 7.50 -0.70 12.53
CA GLU B 407 8.42 -1.31 13.56
C GLU B 407 8.76 -2.74 13.27
N GLN B 408 7.75 -3.56 13.01
CA GLN B 408 7.99 -4.98 12.90
C GLN B 408 9.07 -5.19 11.87
N ALA B 409 9.04 -4.42 10.79
CA ALA B 409 9.98 -4.55 9.72
C ALA B 409 11.35 -3.97 10.18
N ALA B 410 11.33 -2.79 10.79
CA ALA B 410 12.57 -2.07 11.10
C ALA B 410 13.41 -2.83 12.16
N GLN B 411 12.79 -3.34 13.21
CA GLN B 411 13.52 -4.03 14.24
C GLN B 411 14.27 -5.22 13.75
N GLY B 412 13.94 -5.72 12.54
CA GLY B 412 14.49 -6.93 11.88
C GLY B 412 15.28 -6.70 10.59
N LEU B 413 15.55 -5.47 10.18
CA LEU B 413 16.33 -5.30 8.93
C LEU B 413 17.81 -5.74 9.00
N TRP B 414 18.30 -6.31 7.93
CA TRP B 414 19.64 -6.84 7.90
C TRP B 414 20.53 -5.73 7.58
N ASN B 415 21.11 -5.20 8.63
CA ASN B 415 22.04 -4.11 8.50
C ASN B 415 23.40 -4.59 8.13
N LEU B 416 23.72 -4.43 6.83
CA LEU B 416 24.97 -4.94 6.29
C LEU B 416 25.97 -3.86 6.02
N LEU B 417 27.25 -4.22 6.00
CA LEU B 417 28.31 -3.23 5.75
C LEU B 417 28.77 -3.36 4.31
N ASP B 418 28.48 -4.53 3.75
CA ASP B 418 28.90 -4.95 2.42
C ASP B 418 28.31 -6.31 2.09
N SER B 419 28.62 -6.84 0.90
CA SER B 419 28.25 -8.22 0.52
C SER B 419 29.16 -8.74 -0.60
N HIS B 420 28.77 -9.86 -1.23
CA HIS B 420 29.39 -10.35 -2.48
C HIS B 420 29.09 -9.47 -3.75
N ASP B 421 28.25 -8.45 -3.59
CA ASP B 421 28.06 -7.52 -4.68
C ASP B 421 28.70 -6.16 -4.37
N THR B 422 29.59 -6.03 -3.41
CA THR B 422 30.10 -4.69 -3.11
C THR B 422 31.60 -4.81 -2.71
N GLU B 423 32.26 -3.67 -2.44
CA GLU B 423 33.60 -3.76 -1.95
C GLU B 423 33.54 -4.06 -0.46
N ARG B 424 34.61 -4.60 0.09
CA ARG B 424 34.62 -4.85 1.47
C ARG B 424 34.66 -3.50 2.08
N PHE B 425 33.82 -3.24 3.07
CA PHE B 425 33.90 -2.00 3.84
C PHE B 425 35.29 -1.44 4.28
N LEU B 426 36.23 -2.34 4.66
CA LEU B 426 37.53 -1.88 5.16
C LEU B 426 38.20 -1.06 4.05
N THR B 427 37.98 -1.55 2.82
CA THR B 427 38.36 -0.91 1.57
C THR B 427 37.50 0.35 1.34
N SER B 428 36.17 0.28 1.47
CA SER B 428 35.45 1.54 1.38
C SER B 428 36.19 2.51 2.28
N CYS B 429 36.77 2.01 3.38
CA CYS B 429 37.42 2.86 4.35
C CYS B 429 38.86 3.28 4.07
N GLY B 430 39.35 2.96 2.86
CA GLY B 430 40.78 3.10 2.43
C GLY B 430 41.66 2.40 3.45
N GLY B 431 41.26 1.17 3.83
CA GLY B 431 41.99 0.39 4.85
C GLY B 431 42.18 1.01 6.25
N ASN B 432 41.39 2.02 6.58
CA ASN B 432 41.48 2.63 7.90
C ASN B 432 40.68 1.84 8.95
N GLU B 433 41.36 0.99 9.70
CA GLU B 433 40.74 0.12 10.71
C GLU B 433 39.98 0.84 11.80
N ALA B 434 40.47 1.96 12.29
CA ALA B 434 39.76 2.62 13.37
C ALA B 434 38.39 3.13 12.84
N LYS B 435 38.31 3.57 11.59
CA LYS B 435 37.02 3.93 11.07
C LYS B 435 36.13 2.65 10.94
N PHE B 436 36.77 1.57 10.47
CA PHE B 436 36.10 0.33 10.38
C PHE B 436 35.57 -0.06 11.77
N ARG B 437 36.39 -0.01 12.81
CA ARG B 437 35.88 -0.37 14.12
C ARG B 437 34.62 0.42 14.46
N LEU B 438 34.63 1.74 14.21
CA LEU B 438 33.51 2.57 14.62
C LEU B 438 32.22 2.15 13.87
N ALA B 439 32.37 1.84 12.56
CA ALA B 439 31.20 1.30 11.82
C ALA B 439 30.66 -0.08 12.42
N VAL B 440 31.53 -0.96 12.95
CA VAL B 440 31.09 -2.26 13.43
C VAL B 440 30.41 -2.09 14.74
N LEU B 441 30.92 -1.14 15.56
CA LEU B 441 30.31 -0.77 16.84
C LEU B 441 28.85 -0.25 16.58
N PHE B 442 28.74 0.65 15.62
CA PHE B 442 27.44 1.12 15.24
C PHE B 442 26.46 0.06 14.77
N GLN B 443 26.86 -0.69 13.73
CA GLN B 443 26.09 -1.78 13.14
C GLN B 443 25.59 -2.70 14.28
N MET B 444 26.50 -2.94 15.23
CA MET B 444 26.29 -3.90 16.32
C MET B 444 25.45 -3.41 17.47
N THR B 445 25.22 -2.11 17.57
CA THR B 445 24.34 -1.61 18.65
C THR B 445 23.14 -0.86 18.08
N TYR B 446 23.01 -0.73 16.75
CA TYR B 446 21.89 0.07 16.20
C TYR B 446 20.67 -0.86 16.04
N LEU B 447 19.56 -0.26 15.65
CA LEU B 447 18.32 -0.94 15.51
C LEU B 447 18.36 -1.78 14.25
N GLY B 448 18.05 -3.06 14.40
CA GLY B 448 17.97 -3.96 13.28
C GLY B 448 18.73 -5.21 13.65
N THR B 449 19.19 -5.95 12.63
CA THR B 449 19.81 -7.27 12.76
C THR B 449 21.12 -7.14 12.05
N PRO B 450 22.24 -7.35 12.75
CA PRO B 450 23.54 -7.22 12.01
C PRO B 450 23.80 -8.37 11.05
N LEU B 451 24.40 -8.07 9.90
CA LEU B 451 24.74 -9.11 8.89
C LEU B 451 26.26 -9.03 8.65
N ILE B 452 27.07 -9.88 9.28
CA ILE B 452 28.51 -9.89 8.99
C ILE B 452 28.83 -10.62 7.70
N TYR B 453 29.76 -10.03 6.95
CA TYR B 453 30.10 -10.62 5.68
C TYR B 453 31.36 -11.43 5.89
N TYR B 454 31.35 -12.73 5.52
CA TYR B 454 32.42 -13.65 5.96
C TYR B 454 33.79 -13.01 5.71
N GLY B 455 34.70 -13.07 6.66
CA GLY B 455 35.96 -12.42 6.44
C GLY B 455 36.05 -11.04 7.05
N ASP B 456 34.97 -10.27 7.13
CA ASP B 456 35.18 -8.91 7.71
C ASP B 456 35.76 -8.97 9.11
N GLU B 457 35.37 -9.99 9.89
CA GLU B 457 35.71 -10.02 11.28
C GLU B 457 37.21 -10.28 11.60
N ILE B 458 37.95 -10.74 10.58
CA ILE B 458 39.43 -11.09 10.73
C ILE B 458 40.30 -10.29 9.79
N GLY B 459 39.73 -9.27 9.17
CA GLY B 459 40.55 -8.31 8.57
C GLY B 459 40.50 -8.26 7.06
N MET B 460 39.78 -9.16 6.39
CA MET B 460 39.89 -9.18 4.93
C MET B 460 39.47 -7.83 4.31
N ALA B 461 40.06 -7.48 3.14
CA ALA B 461 39.71 -6.35 2.27
C ALA B 461 39.39 -6.85 0.85
N GLY B 462 39.03 -5.95 -0.07
CA GLY B 462 38.59 -6.38 -1.42
C GLY B 462 38.02 -5.20 -2.16
N ALA B 463 38.23 -5.08 -3.45
CA ALA B 463 37.36 -4.20 -4.24
C ALA B 463 36.09 -5.05 -4.62
N THR B 464 35.17 -4.49 -5.40
CA THR B 464 33.92 -5.20 -5.69
C THR B 464 34.08 -6.53 -6.43
N ASP B 465 32.94 -7.19 -6.65
CA ASP B 465 32.88 -8.47 -7.34
C ASP B 465 33.74 -8.30 -8.57
N PRO B 466 34.69 -9.24 -8.80
CA PRO B 466 34.81 -10.47 -7.99
C PRO B 466 35.78 -10.38 -6.84
N ASP B 467 36.46 -9.25 -6.62
CA ASP B 467 37.54 -9.17 -5.65
C ASP B 467 37.09 -9.32 -4.17
N CYS B 468 35.80 -9.06 -3.93
CA CYS B 468 35.24 -9.14 -2.58
C CYS B 468 35.06 -10.63 -2.17
N ARG B 469 35.13 -11.52 -3.15
CA ARG B 469 35.05 -12.98 -2.97
C ARG B 469 36.42 -13.75 -2.78
N ARG B 470 37.44 -13.07 -2.22
CA ARG B 470 38.78 -13.69 -1.97
C ARG B 470 38.54 -14.89 -1.04
N PRO B 471 39.35 -16.01 -1.20
CA PRO B 471 39.44 -17.11 -0.19
C PRO B 471 39.55 -16.56 1.25
N MET B 472 38.62 -17.00 2.11
CA MET B 472 38.73 -16.86 3.57
C MET B 472 40.12 -17.13 4.14
N ILE B 473 40.62 -16.25 4.98
CA ILE B 473 41.92 -16.37 5.68
C ILE B 473 41.79 -17.17 6.97
N TRP B 474 42.15 -18.46 6.92
CA TRP B 474 42.06 -19.31 8.11
C TRP B 474 43.30 -19.33 8.97
N GLU B 475 44.38 -18.74 8.47
CA GLU B 475 45.67 -18.87 9.09
C GLU B 475 45.79 -17.84 10.24
N GLU B 476 45.86 -18.29 11.49
CA GLU B 476 45.87 -17.28 12.59
C GLU B 476 46.76 -16.13 12.37
N LYS B 477 48.01 -16.46 12.12
CA LYS B 477 49.07 -15.52 11.80
C LYS B 477 48.58 -14.45 10.83
N GLU B 478 47.83 -14.91 9.86
CA GLU B 478 47.25 -14.09 8.79
C GLU B 478 45.99 -13.17 9.14
N GLN B 479 45.43 -13.41 10.34
CA GLN B 479 44.12 -12.94 10.78
C GLN B 479 44.24 -11.78 11.72
N ASN B 480 43.28 -10.86 11.72
CA ASN B 480 43.31 -9.84 12.73
C ASN B 480 42.69 -10.38 14.04
N ARG B 481 43.31 -11.33 14.72
CA ARG B 481 42.76 -11.69 16.01
C ARG B 481 42.35 -10.53 16.93
N GLY B 482 42.88 -9.33 16.79
CA GLY B 482 42.47 -8.28 17.71
C GLY B 482 41.07 -7.80 17.38
N LEU B 483 40.77 -7.75 16.09
CA LEU B 483 39.48 -7.30 15.59
C LEU B 483 38.44 -8.35 15.95
N PHE B 484 38.77 -9.58 15.65
CA PHE B 484 37.91 -10.71 15.98
C PHE B 484 37.37 -10.64 17.39
N GLU B 485 38.21 -10.23 18.34
CA GLU B 485 37.85 -10.39 19.75
C GLU B 485 36.91 -9.24 20.08
N PHE B 486 37.11 -8.16 19.33
CA PHE B 486 36.27 -6.97 19.36
C PHE B 486 34.88 -7.37 18.86
N TYR B 487 34.83 -7.98 17.68
CA TYR B 487 33.55 -8.50 17.21
C TYR B 487 32.92 -9.39 18.24
N LYS B 488 33.63 -10.44 18.74
CA LYS B 488 33.06 -11.36 19.75
C LYS B 488 32.48 -10.56 20.92
N GLU B 489 33.20 -9.54 21.37
CA GLU B 489 32.68 -8.85 22.53
C GLU B 489 31.43 -8.04 22.26
N LEU B 490 31.35 -7.35 21.12
CA LEU B 490 30.16 -6.62 20.81
C LEU B 490 28.96 -7.58 20.75
N ILE B 491 29.19 -8.73 20.11
CA ILE B 491 28.14 -9.66 19.98
C ILE B 491 27.68 -10.19 21.37
N ARG B 492 28.54 -10.34 22.36
CA ARG B 492 28.13 -10.85 23.65
C ARG B 492 27.28 -9.72 24.24
N LEU B 493 27.67 -8.48 23.96
CA LEU B 493 26.95 -7.41 24.57
C LEU B 493 25.50 -7.33 24.03
N ARG B 494 25.33 -7.46 22.72
CA ARG B 494 24.06 -7.37 22.07
C ARG B 494 23.17 -8.45 22.65
N HIS B 495 23.75 -9.62 22.96
CA HIS B 495 22.93 -10.74 23.47
C HIS B 495 22.59 -10.48 24.94
N ARG B 496 23.40 -9.73 25.62
CA ARG B 496 23.03 -9.69 26.97
C ARG B 496 22.43 -8.33 27.36
N LEU B 497 22.17 -7.43 26.42
CA LEU B 497 21.49 -6.17 26.75
C LEU B 497 20.25 -6.07 25.94
N ALA B 498 19.10 -6.22 26.62
CA ALA B 498 17.75 -6.30 25.98
C ALA B 498 17.50 -5.14 25.02
N SER B 499 17.92 -3.95 25.42
CA SER B 499 17.59 -2.82 24.60
C SER B 499 18.30 -2.79 23.31
N LEU B 500 19.42 -3.52 23.21
CA LEU B 500 20.15 -3.51 21.95
C LEU B 500 19.43 -4.36 20.94
N THR B 501 18.76 -5.43 21.39
CA THR B 501 18.08 -6.30 20.40
C THR B 501 16.61 -5.88 20.29
N ARG B 502 16.03 -5.29 21.32
CA ARG B 502 14.59 -5.15 21.22
C ARG B 502 14.16 -3.74 21.63
N GLY B 503 15.12 -2.85 21.90
CA GLY B 503 14.68 -1.55 22.35
C GLY B 503 14.37 -0.73 21.16
N ASN B 504 13.83 0.47 21.42
CA ASN B 504 13.57 1.43 20.36
C ASN B 504 14.86 2.25 20.16
N VAL B 505 14.84 3.19 19.21
CA VAL B 505 15.89 4.20 19.08
C VAL B 505 15.49 5.63 19.15
N ARG B 506 16.30 6.39 19.89
CA ARG B 506 16.13 7.82 19.91
C ARG B 506 17.47 8.45 19.66
N SER B 507 17.50 9.47 18.83
CA SER B 507 18.71 10.24 18.73
C SER B 507 18.97 11.03 20.00
N TRP B 508 20.26 11.21 20.33
CA TRP B 508 20.66 11.72 21.65
C TRP B 508 21.47 13.02 21.52
N HIS B 509 22.38 13.05 20.57
CA HIS B 509 23.09 14.24 20.39
C HIS B 509 23.65 14.17 18.99
N ALA B 510 23.73 15.30 18.27
CA ALA B 510 24.27 15.23 16.92
C ALA B 510 24.84 16.53 16.44
N ASP B 511 26.16 16.66 16.50
CA ASP B 511 26.86 17.90 16.23
C ASP B 511 27.65 17.84 14.91
N LYS B 512 27.17 18.52 13.86
CA LYS B 512 27.85 18.48 12.54
C LYS B 512 29.24 19.14 12.65
N GLN B 513 29.45 19.90 13.73
CA GLN B 513 30.76 20.52 14.02
C GLN B 513 31.76 19.42 14.42
N ALA B 514 31.66 18.93 15.67
CA ALA B 514 32.47 17.83 16.22
C ALA B 514 32.39 16.46 15.46
N ASN B 515 31.45 16.33 14.52
CA ASN B 515 31.12 15.04 13.83
C ASN B 515 30.81 13.93 14.85
N LEU B 516 30.10 14.34 15.88
CA LEU B 516 29.84 13.47 16.97
C LEU B 516 28.33 13.18 16.96
N TYR B 517 28.01 11.90 16.97
CA TYR B 517 26.59 11.41 16.94
C TYR B 517 26.33 10.41 18.03
N ALA B 518 25.25 10.51 18.79
CA ALA B 518 25.00 9.53 19.83
C ALA B 518 23.54 9.26 19.79
N PHE B 519 23.13 8.08 20.23
CA PHE B 519 21.71 7.67 20.33
C PHE B 519 21.47 6.69 21.53
N VAL B 520 20.24 6.23 21.78
CA VAL B 520 19.91 5.59 23.06
C VAL B 520 18.95 4.48 22.66
N ARG B 521 19.18 3.23 23.10
CA ARG B 521 18.25 2.13 22.83
C ARG B 521 17.37 1.93 24.06
N THR B 522 16.05 1.92 24.00
CA THR B 522 15.31 1.68 25.23
C THR B 522 14.28 0.51 25.21
N VAL B 523 14.32 -0.31 26.24
CA VAL B 523 13.23 -1.22 26.45
C VAL B 523 13.00 -1.21 27.94
N GLN B 524 11.75 -1.11 28.45
CA GLN B 524 11.56 -1.21 29.94
C GLN B 524 12.14 0.08 30.49
N ASP B 525 12.84 -0.07 31.62
CA ASP B 525 13.60 1.04 32.20
C ASP B 525 15.07 1.08 31.84
N GLN B 526 15.57 0.01 31.20
CA GLN B 526 16.90 0.03 30.60
C GLN B 526 17.08 1.04 29.44
N HIS B 527 18.04 1.94 29.60
CA HIS B 527 18.58 2.77 28.51
C HIS B 527 19.99 2.24 28.27
N VAL B 528 20.39 2.17 27.01
CA VAL B 528 21.80 2.01 26.69
C VAL B 528 22.15 3.16 25.74
N GLY B 529 23.02 4.09 26.16
CA GLY B 529 23.47 5.15 25.27
C GLY B 529 24.74 4.78 24.45
N VAL B 530 24.74 5.04 23.15
CA VAL B 530 25.90 4.77 22.36
C VAL B 530 26.38 6.11 21.73
N VAL B 531 27.66 6.43 21.95
CA VAL B 531 28.17 7.68 21.46
C VAL B 531 29.38 7.43 20.66
N LEU B 532 29.40 8.10 19.53
CA LEU B 532 30.39 7.82 18.44
C LEU B 532 31.20 9.07 18.04
N ASN B 533 32.51 9.02 18.24
CA ASN B 533 33.26 10.20 18.01
C ASN B 533 33.87 9.92 16.68
N ASN B 534 33.17 10.25 15.60
CA ASN B 534 33.65 10.00 14.24
C ASN B 534 34.51 11.16 13.76
N ARG B 535 35.66 11.32 14.42
CA ARG B 535 36.68 12.27 14.10
C ARG B 535 38.04 11.78 14.63
N GLY B 536 39.09 11.97 13.82
CA GLY B 536 40.45 11.62 14.26
C GLY B 536 40.96 12.63 15.27
N GLU B 537 40.29 12.81 16.41
CA GLU B 537 40.67 13.86 17.31
C GLU B 537 40.12 13.66 18.70
N LYS B 538 40.91 13.78 19.75
CA LYS B 538 40.33 13.67 21.11
C LYS B 538 39.36 14.80 21.28
N GLN B 539 38.09 14.46 21.55
CA GLN B 539 37.02 15.48 21.75
C GLN B 539 36.26 15.23 23.03
N THR B 540 35.72 16.32 23.56
CA THR B 540 34.89 16.34 24.77
C THR B 540 33.54 16.91 24.37
N VAL B 541 32.49 16.17 24.74
CA VAL B 541 31.14 16.51 24.48
C VAL B 541 30.41 16.54 25.79
N LEU B 542 29.24 17.17 25.71
CA LEU B 542 28.41 17.48 26.86
C LEU B 542 26.98 17.14 26.55
N LEU B 543 26.49 16.11 27.23
CA LEU B 543 25.26 15.47 26.81
C LEU B 543 24.09 15.62 27.77
N GLN B 544 22.90 15.83 27.23
CA GLN B 544 21.73 15.97 28.06
C GLN B 544 21.19 14.65 28.59
N VAL B 545 20.89 14.64 29.87
CA VAL B 545 20.36 13.47 30.56
C VAL B 545 19.49 13.92 31.73
N PRO B 546 18.16 14.16 31.49
CA PRO B 546 17.25 14.29 32.67
C PRO B 546 17.50 13.18 33.74
N GLU B 547 17.28 13.52 35.01
CA GLU B 547 17.56 12.59 36.14
C GLU B 547 16.78 11.29 36.10
N SER B 548 15.70 11.32 35.33
CA SER B 548 14.77 10.21 35.17
C SER B 548 15.47 8.90 34.73
N GLY B 549 16.27 8.98 33.67
CA GLY B 549 17.08 7.87 33.17
C GLY B 549 18.07 7.30 34.17
N GLY B 550 18.63 8.15 35.04
CA GLY B 550 19.70 7.75 35.97
C GLY B 550 20.76 8.85 35.98
N LYS B 551 21.51 8.95 37.08
CA LYS B 551 22.60 9.91 37.17
C LYS B 551 23.97 9.20 36.96
N THR B 552 23.96 7.87 36.87
CA THR B 552 25.21 7.10 36.77
C THR B 552 25.12 5.99 35.68
N TRP B 553 26.19 5.80 34.88
CA TRP B 553 26.21 4.82 33.74
C TRP B 553 27.49 4.02 33.67
N LEU B 554 27.48 2.95 32.89
CA LEU B 554 28.64 2.07 32.80
C LEU B 554 29.03 1.88 31.35
N ASP B 555 30.22 2.31 30.95
CA ASP B 555 30.69 2.11 29.53
C ASP B 555 31.09 0.63 29.48
N CYS B 556 30.37 -0.18 28.73
CA CYS B 556 30.54 -1.58 28.82
C CYS B 556 31.71 -2.07 28.15
N LEU B 557 32.34 -1.25 27.31
CA LEU B 557 33.57 -1.69 26.66
C LEU B 557 34.82 -1.54 27.56
N THR B 558 34.78 -0.63 28.53
CA THR B 558 35.92 -0.40 29.40
C THR B 558 35.66 -0.54 30.89
N GLY B 559 34.43 -0.71 31.33
CA GLY B 559 34.12 -0.76 32.77
C GLY B 559 34.28 0.59 33.43
N GLU B 560 34.55 1.62 32.64
CA GLU B 560 34.50 3.02 33.10
C GLU B 560 33.13 3.35 33.63
N GLU B 561 33.08 4.10 34.72
CA GLU B 561 31.81 4.43 35.37
C GLU B 561 31.63 5.92 35.20
N VAL B 562 30.49 6.37 34.71
CA VAL B 562 30.37 7.76 34.32
C VAL B 562 29.19 8.40 35.04
N HIS B 563 29.41 9.58 35.64
CA HIS B 563 28.40 10.28 36.48
C HIS B 563 27.77 11.60 35.88
N GLY B 564 26.49 11.81 36.12
CA GLY B 564 25.88 13.03 35.60
C GLY B 564 25.76 14.12 36.65
N LYS B 565 26.41 15.27 36.42
CA LYS B 565 26.11 16.48 37.22
C LYS B 565 24.97 17.35 36.62
N GLN B 566 23.86 17.42 37.34
CA GLN B 566 22.72 18.31 36.99
C GLN B 566 22.22 18.13 35.62
N GLY B 567 21.72 16.93 35.34
CA GLY B 567 21.09 16.63 34.06
C GLY B 567 21.98 16.77 32.85
N GLN B 568 23.27 17.00 33.09
CA GLN B 568 24.30 16.94 32.06
C GLN B 568 25.30 15.85 32.39
N LEU B 569 25.84 15.24 31.34
CA LEU B 569 26.87 14.23 31.43
C LEU B 569 28.01 14.66 30.51
N LYS B 570 29.26 14.57 30.99
CA LYS B 570 30.53 14.94 30.22
C LYS B 570 31.41 13.79 29.85
N LEU B 571 31.83 13.74 28.61
CA LEU B 571 32.54 12.60 28.12
C LEU B 571 33.74 13.02 27.31
N THR B 572 34.79 12.21 27.40
CA THR B 572 35.98 12.48 26.60
C THR B 572 36.37 11.21 25.83
N LEU B 573 36.48 11.35 24.53
CA LEU B 573 36.68 10.17 23.66
C LEU B 573 37.96 10.32 22.83
N ARG B 574 38.71 9.23 22.71
CA ARG B 574 39.83 9.14 21.77
C ARG B 574 39.35 9.21 20.34
N PRO B 575 40.25 9.55 19.41
CA PRO B 575 39.79 9.48 18.01
C PRO B 575 39.00 8.22 17.71
N TYR B 576 37.94 8.36 16.93
CA TYR B 576 37.16 7.23 16.46
C TYR B 576 36.80 6.26 17.57
N GLN B 577 36.70 6.73 18.83
CA GLN B 577 36.24 5.90 19.95
C GLN B 577 34.76 5.73 19.93
N GLY B 578 34.27 4.63 20.46
CA GLY B 578 32.83 4.49 20.68
C GLY B 578 32.57 4.10 22.09
N MET B 579 31.64 4.75 22.75
CA MET B 579 31.24 4.24 24.08
C MET B 579 29.82 3.57 24.13
N ILE B 580 29.66 2.50 24.93
CA ILE B 580 28.34 1.85 25.08
C ILE B 580 27.94 1.95 26.55
N LEU B 581 27.21 3.02 26.82
CA LEU B 581 26.88 3.42 28.20
C LEU B 581 25.58 2.87 28.71
N TRP B 582 25.67 1.88 29.60
CA TRP B 582 24.48 1.18 30.15
C TRP B 582 24.04 1.89 31.42
N ASN B 583 22.75 2.17 31.57
CA ASN B 583 22.16 2.82 32.78
C ASN B 583 21.94 1.92 33.99
N GLY B 584 22.12 0.62 33.92
CA GLY B 584 22.02 -0.11 35.20
C GLY B 584 20.76 -0.93 35.31
N ARG B 585 19.74 -0.52 34.59
CA ARG B 585 18.56 -1.31 34.51
C ARG B 585 18.73 -2.18 33.31
CA CA C . -45.24 -7.92 -3.45
C1A ARE D . -30.31 0.46 11.98
C2A ARE D . -31.15 1.75 12.10
C3A ARE D . -30.36 3.05 11.58
C4A ARE D . -29.00 3.21 12.31
C5A ARE D . -28.17 1.83 12.34
C6A ARE D . -26.74 1.94 13.07
O2A ARE D . -32.33 1.50 11.35
O3A ARE D . -31.10 4.30 11.63
O4A ARE D . -28.23 4.28 11.74
O5A ARE D . -29.07 0.61 12.79
O6A ARE D . -26.49 3.30 13.55
C1B ARE D . -28.90 -2.34 7.49
C2B ARE D . -30.29 -1.70 7.30
C3B ARE D . -30.37 -0.51 8.32
C4B ARE D . -30.13 -0.92 9.81
C5B ARE D . -28.91 -1.90 9.96
C6B ARE D . -28.88 -2.76 11.24
O2B ARE D . -30.41 -1.26 5.92
O3B ARE D . -31.57 0.16 8.18
O4B ARE D . -29.89 0.28 10.57
O5B ARE D . -28.85 -2.88 8.87
O6B ARE D . -29.59 -2.19 12.36
C1C ARE D . -21.93 2.68 8.48
C2C ARE D . -21.28 1.42 7.87
C3C ARE D . -21.93 1.07 6.52
C4C ARE D . -23.47 0.81 6.75
C5C ARE D . -24.06 2.06 7.42
C6C ARE D . -25.56 2.17 7.62
O2C ARE D . -19.85 1.51 7.83
O3C ARE D . -21.22 0.00 5.77
O5C ARE D . -23.31 2.27 8.64
N4C ARE D . -24.15 0.58 5.45
C1H ARE D . -24.31 -0.83 4.97
C2H ARE D . -25.59 -0.90 4.14
C3H ARE D . -26.72 -0.62 5.14
C4H ARE D . -26.86 -1.78 6.18
C5H ARE D . -25.51 -2.06 6.94
C6H ARE D . -24.24 -1.89 6.10
C7H ARE D . -25.42 -3.44 7.64
O2H ARE D . -25.44 0.13 3.15
O3H ARE D . -27.93 -0.33 4.53
O4H ARE D . -27.85 -1.30 7.09
O7H ARE D . -25.49 -4.43 6.67
C1G ARE D . -20.01 7.79 8.90
C2G ARE D . -19.02 6.62 8.85
C3G ARE D . -19.76 5.33 8.34
C4G ARE D . -21.28 5.15 8.71
C5G ARE D . -22.05 6.44 8.45
C6G ARE D . -23.44 6.37 9.12
O1G ARE D . -20.07 8.37 7.56
O2G ARE D . -17.89 6.95 7.97
O3G ARE D . -18.98 4.19 8.66
O4G ARE D . -21.87 4.08 7.86
O5G ARE D . -21.40 7.47 9.19
O6G ARE D . -24.40 5.95 8.17
CA CA E . 35.86 -29.09 -2.10
C1A ARE F . 28.56 -10.71 -12.85
C2A ARE F . 29.63 -9.62 -12.68
C3A ARE F . 29.07 -8.24 -12.94
C4A ARE F . 28.56 -8.12 -14.38
C5A ARE F . 27.72 -9.34 -14.85
C6A ARE F . 27.78 -9.46 -16.42
O2A ARE F . 30.08 -9.63 -11.35
O3A ARE F . 30.06 -7.27 -12.64
O4A ARE F . 27.70 -7.01 -14.39
O5A ARE F . 28.11 -10.67 -14.25
O6A ARE F . 27.54 -10.83 -16.83
C1B ARE F . 25.14 -13.20 -9.64
C2B ARE F . 26.67 -13.18 -9.31
C3B ARE F . 27.52 -12.14 -10.09
C4B ARE F . 27.07 -11.91 -11.53
C5B ARE F . 25.51 -12.05 -11.68
C6B ARE F . 25.05 -11.75 -13.13
O2B ARE F . 26.87 -12.95 -7.89
O3B ARE F . 28.86 -12.56 -10.12
O4B ARE F . 27.40 -10.61 -11.98
O5B ARE F . 25.03 -13.37 -11.08
O6B ARE F . 26.09 -12.07 -14.04
C1C ARE F . 21.37 -5.55 -9.07
C2C ARE F . 20.21 -6.43 -8.62
C3C ARE F . 20.63 -7.31 -7.44
C4C ARE F . 21.95 -8.10 -7.80
C5C ARE F . 23.11 -7.08 -8.04
C6C ARE F . 24.47 -7.58 -8.52
O2C ARE F . 19.13 -5.59 -8.19
O3C ARE F . 19.49 -8.12 -6.97
O5C ARE F . 22.69 -6.15 -9.07
N4C ARE F . 22.31 -9.04 -6.71
C1H ARE F . 21.60 -10.34 -6.65
C2H ARE F . 22.50 -11.39 -6.04
C3H ARE F . 23.76 -11.42 -6.92
C4H ARE F . 23.40 -12.17 -8.24
C5H ARE F . 22.26 -11.46 -8.95
C6H ARE F . 21.14 -10.92 -8.02
C7H ARE F . 21.68 -12.29 -10.08
O2H ARE F . 22.77 -11.17 -4.65
O3H ARE F . 24.82 -11.99 -6.18
O4H ARE F . 24.41 -12.01 -9.21
O7H ARE F . 21.36 -13.58 -9.59
C1G ARE F . 22.04 -0.25 -7.77
C2G ARE F . 20.60 -0.64 -8.10
C3G ARE F . 20.53 -2.21 -7.96
C4G ARE F . 21.65 -3.12 -8.57
C5G ARE F . 22.87 -2.63 -7.84
C6G ARE F . 23.95 -3.49 -8.54
O1G ARE F . 22.49 -0.14 -6.37
O2G ARE F . 19.67 0.00 -7.13
O3G ARE F . 19.25 -2.76 -8.23
O4G ARE F . 21.41 -4.50 -8.12
O5G ARE F . 22.93 -1.24 -8.19
O6G ARE F . 25.28 -3.08 -8.22
#